data_8F0X
#
_entry.id   8F0X
#
_cell.length_a   1.00
_cell.length_b   1.00
_cell.length_c   1.00
_cell.angle_alpha   90.00
_cell.angle_beta   90.00
_cell.angle_gamma   90.00
#
_symmetry.space_group_name_H-M   'P 1'
#
loop_
_entity.id
_entity.type
_entity.pdbx_description
1 polymer 'Importin subunit beta-5'
2 polymer 'Histone H2A.2'
3 polymer 'Histone H2B.2'
#
loop_
_entity_poly.entity_id
_entity_poly.type
_entity_poly.pdbx_seq_one_letter_code
_entity_poly.pdbx_strand_id
1 'polypeptide(L)'
;MDINELIIGAQSADKHTREVAETQLLQWCDSDASQVFKALANVALQHEASLESRQFALLSLRKLITMYWSPGFESYRSTS
NVEIDVKDFIREVLLKLCLNDNENTKIKNGASYCIVQISAVDFPDQWPQLLTVIYDAISHQHSLNAMSLLNEIYDDVVSE
EMFFEGGIGLATMEIVFKVLNTETSTLIAKIAALKLLKACLLQMSSHNEYDEASRKSFVSQCLATSLQILGQLLTLNFGN
VDVISQLKFKSIIYENLVFIKNDFSRKHFSSELQKQFKIMAIQDLENVTHINANVETTESEPLLETVHDCSIYIVEFLTS
VCTLQFSVEEMNKIITSLTILCQLSSETREIWTSDFNTFVSKETGLAASYNVRDQANEFFTSLPNPQLSLIFKVVSNDIE
HSTCNYSTLESLLYLLQCILLNDDEITGENIDQSLQILIKTLENILVSQEIPELILARAILTIPRVLDKFIDALPDIKPL
TSAFLAKSLNLALKSDKELIKSATLIAFTYYCYFAELDSVLGPEVCSETQEKVIRIINQVSSDAEEDTNGALMEVLSQVI
SYNPKEPHSRKEILQAEFHLVFTISSEDPANVQVVVQSQECLEKLLDNINMDNYKNYIELCLPSFINVLDSNNANNYRYS
PLLSLVLEFITVFLKKKPNDGFLPDEINQYLFEPLAKVLAFSTEDETLQLATEAFSYLIFNTDTRAMEPRLMDIMKVLER
LLSLEVSDSAAMNVGPLVVAIFTRFSKEIQPLIGRILEAVVVRLIKTQNISTEQNLLSVLCFLTCNDPKQTVDFLSSFQI
DNTDALTLVMRKWIEAFEVIRGEKRIKENIVALSNLFFLNDKRLQKVVVNGNLIPYEGDLIITRSMAKKMPDRYVQVPLY
TKIIKLFVSELSFQSKQPNPEQLITSDIKQEVVNANKDDDNDDWEDVDDVLDYDKLKEYIDDDVDEEADDDSDDITGLMD
VKESVVQLLVRFFKEVASKDVSGFHCIYETLSDSERKVLSEALL
;
A
2 'polypeptide(L)'
;SGGKGGKAGSAAKASQSRSAKAGLTFPVGRVHRLLRRGNYAQRIGSGAPVYLTAVLEYLAAEILELAGNAARDNKKTRII
PRHLQLAIRNDDELNKLLGNVTIAQGGVLPNIHQNLLPKKSAKTAKASQEL
;
B
3 'polypeptide(L)'
;SSAAEKKPASKAPAEKKPAAKKTSTSVDGKKRSKVRKETYSSYIYKVLKQTHPDTGISQKSMSILNSFVNDIFERIATEA
SKLAAYNKKSTISAREIQTAVRLILPGELAKHAVSEGTRAVTKYSSSTQA
;
C
#
# COMPACT_ATOMS: atom_id res chain seq x y z
N MET A 1 -41.39 19.47 -33.42
CA MET A 1 -40.16 19.53 -32.59
C MET A 1 -39.67 18.10 -32.35
N ASP A 2 -38.35 17.94 -32.16
CA ASP A 2 -37.75 16.61 -32.29
C ASP A 2 -37.39 15.99 -30.94
N ILE A 3 -36.99 16.80 -29.95
CA ILE A 3 -36.32 16.24 -28.78
C ILE A 3 -37.21 15.23 -28.08
N ASN A 4 -38.53 15.38 -28.18
CA ASN A 4 -39.43 14.41 -27.57
C ASN A 4 -39.26 13.04 -28.21
N GLU A 5 -39.13 12.99 -29.53
CA GLU A 5 -38.91 11.70 -30.20
C GLU A 5 -37.61 11.05 -29.74
N LEU A 6 -36.54 11.84 -29.64
CA LEU A 6 -35.26 11.28 -29.19
C LEU A 6 -35.36 10.79 -27.75
N ILE A 7 -36.05 11.55 -26.89
CA ILE A 7 -36.19 11.14 -25.49
C ILE A 7 -36.92 9.82 -25.40
N ILE A 8 -38.03 9.69 -26.13
CA ILE A 8 -38.77 8.42 -26.15
C ILE A 8 -37.90 7.32 -26.77
N GLY A 9 -37.23 7.64 -27.88
CA GLY A 9 -36.39 6.65 -28.53
C GLY A 9 -35.23 6.22 -27.65
N ALA A 10 -34.58 7.18 -26.99
CA ALA A 10 -33.47 6.84 -26.11
C ALA A 10 -33.93 6.13 -24.85
N GLN A 11 -35.11 6.49 -24.33
CA GLN A 11 -35.61 5.88 -23.11
C GLN A 11 -36.21 4.51 -23.36
N SER A 12 -36.49 4.16 -24.61
CA SER A 12 -37.09 2.88 -24.93
C SER A 12 -36.13 1.73 -24.62
N ALA A 13 -36.69 0.54 -24.44
CA ALA A 13 -35.89 -0.62 -24.06
C ALA A 13 -35.09 -1.16 -25.24
N ASP A 14 -35.67 -1.18 -26.44
CA ASP A 14 -35.01 -1.77 -27.59
C ASP A 14 -33.73 -1.02 -27.91
N LYS A 15 -32.67 -1.77 -28.19
CA LYS A 15 -31.36 -1.16 -28.45
C LYS A 15 -31.32 -0.47 -29.81
N HIS A 16 -32.05 -0.99 -30.80
CA HIS A 16 -31.97 -0.44 -32.14
C HIS A 16 -32.34 1.04 -32.16
N THR A 17 -33.47 1.39 -31.55
CA THR A 17 -33.87 2.79 -31.51
C THR A 17 -33.04 3.59 -30.53
N ARG A 18 -32.54 2.94 -29.46
CA ARG A 18 -31.74 3.64 -28.47
C ARG A 18 -30.48 4.23 -29.10
N GLU A 19 -29.79 3.45 -29.93
CA GLU A 19 -28.61 3.96 -30.61
C GLU A 19 -28.97 4.99 -31.67
N VAL A 20 -30.08 4.78 -32.39
CA VAL A 20 -30.50 5.75 -33.40
C VAL A 20 -30.79 7.10 -32.75
N ALA A 21 -31.53 7.08 -31.64
CA ALA A 21 -31.82 8.32 -30.93
C ALA A 21 -30.54 8.93 -30.36
N GLU A 22 -29.70 8.11 -29.75
CA GLU A 22 -28.46 8.61 -29.17
C GLU A 22 -27.52 9.16 -30.25
N THR A 23 -27.34 8.41 -31.33
CA THR A 23 -26.49 8.89 -32.43
C THR A 23 -27.08 10.16 -33.04
N GLN A 24 -28.41 10.19 -33.23
CA GLN A 24 -29.04 11.41 -33.72
C GLN A 24 -28.85 12.56 -32.73
N LEU A 25 -29.01 12.28 -31.43
CA LEU A 25 -28.83 13.32 -30.42
C LEU A 25 -27.40 13.86 -30.46
N LEU A 26 -26.42 12.97 -30.43
CA LEU A 26 -25.02 13.41 -30.44
C LEU A 26 -24.70 14.15 -31.73
N GLN A 27 -25.26 13.71 -32.85
CA GLN A 27 -25.07 14.44 -34.11
C GLN A 27 -25.64 15.84 -34.01
N TRP A 28 -26.83 15.98 -33.39
CA TRP A 28 -27.40 17.30 -33.20
C TRP A 28 -26.53 18.17 -32.31
N CYS A 29 -25.95 17.58 -31.25
CA CYS A 29 -25.07 18.35 -30.38
C CYS A 29 -23.85 18.85 -31.13
N ASP A 30 -23.27 18.01 -31.99
CA ASP A 30 -22.06 18.39 -32.72
C ASP A 30 -22.28 19.60 -33.61
N SER A 31 -23.52 19.92 -33.96
CA SER A 31 -23.84 21.07 -34.80
C SER A 31 -24.43 22.24 -34.02
N ASP A 32 -25.43 21.97 -33.18
CA ASP A 32 -26.16 23.01 -32.48
C ASP A 32 -26.33 22.62 -31.01
N ALA A 33 -25.23 22.20 -30.36
CA ALA A 33 -25.25 21.77 -28.94
C ALA A 33 -26.10 22.75 -28.13
N SER A 34 -26.04 24.04 -28.42
CA SER A 34 -26.83 25.07 -27.70
C SER A 34 -28.31 24.71 -27.80
N GLN A 35 -28.79 24.31 -28.98
CA GLN A 35 -30.20 23.95 -29.21
C GLN A 35 -30.56 22.68 -28.44
N VAL A 36 -29.70 21.66 -28.47
CA VAL A 36 -29.96 20.36 -27.78
C VAL A 36 -29.98 20.63 -26.27
N PHE A 37 -29.03 21.42 -25.75
CA PHE A 37 -28.95 21.73 -24.30
C PHE A 37 -30.20 22.51 -23.92
N LYS A 38 -30.61 23.47 -24.75
CA LYS A 38 -31.81 24.30 -24.48
C LYS A 38 -33.03 23.38 -24.44
N ALA A 39 -33.12 22.41 -25.36
CA ALA A 39 -34.27 21.49 -25.46
C ALA A 39 -34.34 20.61 -24.21
N LEU A 40 -33.22 19.99 -23.82
CA LEU A 40 -33.18 19.09 -22.64
C LEU A 40 -33.59 19.89 -21.40
N ALA A 41 -33.21 21.16 -21.32
CA ALA A 41 -33.50 22.01 -20.13
C ALA A 41 -34.97 22.44 -20.14
N ASN A 42 -35.61 22.53 -21.30
CA ASN A 42 -37.04 22.90 -21.42
C ASN A 42 -37.89 21.65 -21.19
N VAL A 43 -37.32 20.45 -21.35
CA VAL A 43 -38.03 19.17 -21.09
C VAL A 43 -37.96 18.89 -19.60
N ALA A 44 -36.92 19.34 -18.91
CA ALA A 44 -36.74 19.09 -17.45
C ALA A 44 -37.54 20.11 -16.63
N LEU A 45 -37.69 21.35 -17.11
CA LEU A 45 -38.42 22.40 -16.41
C LEU A 45 -39.93 22.23 -16.54
N GLN A 46 -40.40 21.72 -17.68
CA GLN A 46 -41.84 21.60 -17.93
C GLN A 46 -42.44 20.57 -16.99
N HIS A 47 -43.36 21.02 -16.13
CA HIS A 47 -44.07 20.10 -15.23
C HIS A 47 -45.11 19.27 -15.97
N GLU A 48 -45.57 19.74 -17.13
CA GLU A 48 -46.58 19.01 -17.88
C GLU A 48 -46.06 17.66 -18.35
N ALA A 49 -44.75 17.54 -18.55
CA ALA A 49 -44.17 16.30 -19.04
C ALA A 49 -44.15 15.24 -17.96
N SER A 50 -44.10 13.98 -18.37
CA SER A 50 -44.08 12.87 -17.43
C SER A 50 -42.76 12.86 -16.67
N LEU A 51 -42.80 12.30 -15.46
CA LEU A 51 -41.60 12.23 -14.63
C LEU A 51 -40.50 11.43 -15.32
N GLU A 52 -40.87 10.37 -16.03
CA GLU A 52 -39.86 9.57 -16.72
C GLU A 52 -39.12 10.40 -17.75
N SER A 53 -39.84 11.24 -18.51
CA SER A 53 -39.18 12.12 -19.47
C SER A 53 -38.36 13.20 -18.75
N ARG A 54 -38.91 13.79 -17.70
CA ARG A 54 -38.17 14.83 -16.97
C ARG A 54 -36.90 14.26 -16.35
N GLN A 55 -36.99 13.09 -15.74
CA GLN A 55 -35.81 12.48 -15.14
C GLN A 55 -34.77 12.16 -16.20
N PHE A 56 -35.20 11.66 -17.35
CA PHE A 56 -34.26 11.35 -18.42
C PHE A 56 -33.60 12.60 -18.97
N ALA A 57 -34.35 13.71 -19.06
CA ALA A 57 -33.74 14.95 -19.56
C ALA A 57 -32.57 15.38 -18.69
N LEU A 58 -32.74 15.32 -17.37
CA LEU A 58 -31.63 15.61 -16.47
C LEU A 58 -30.59 14.49 -16.51
N LEU A 59 -31.02 13.26 -16.83
CA LEU A 59 -30.07 12.16 -16.95
C LEU A 59 -29.18 12.35 -18.17
N SER A 60 -29.73 12.87 -19.27
CA SER A 60 -28.93 13.15 -20.45
C SER A 60 -28.04 14.37 -20.23
N LEU A 61 -28.59 15.44 -19.66
CA LEU A 61 -27.78 16.63 -19.40
C LEU A 61 -26.57 16.30 -18.55
N ARG A 62 -26.70 15.30 -17.67
CA ARG A 62 -25.56 14.86 -16.87
C ARG A 62 -24.39 14.47 -17.75
N LYS A 63 -24.66 13.72 -18.83
CA LYS A 63 -23.58 13.25 -19.68
C LYS A 63 -23.22 14.26 -20.76
N LEU A 64 -24.20 14.94 -21.33
CA LEU A 64 -23.90 15.93 -22.37
C LEU A 64 -23.10 17.09 -21.81
N ILE A 65 -23.28 17.41 -20.52
CA ILE A 65 -22.51 18.49 -19.91
C ILE A 65 -21.02 18.16 -19.97
N THR A 66 -20.66 16.94 -19.61
CA THR A 66 -19.26 16.56 -19.59
C THR A 66 -18.64 16.54 -20.99
N MET A 67 -19.47 16.56 -22.04
CA MET A 67 -18.98 16.41 -23.40
C MET A 67 -19.06 17.70 -24.22
N TYR A 68 -19.84 18.69 -23.79
CA TYR A 68 -20.03 19.90 -24.58
C TYR A 68 -20.00 21.19 -23.76
N TRP A 69 -19.64 21.13 -22.48
CA TRP A 69 -19.73 22.32 -21.63
C TRP A 69 -18.42 23.11 -21.61
N SER A 70 -17.31 22.49 -21.21
CA SER A 70 -16.04 23.19 -21.11
C SER A 70 -14.92 22.20 -21.34
N PRO A 71 -13.74 22.67 -21.78
CA PRO A 71 -12.61 21.74 -21.95
C PRO A 71 -12.14 21.14 -20.64
N GLY A 72 -12.63 21.66 -19.51
CA GLY A 72 -12.20 21.15 -18.22
C GLY A 72 -12.53 19.69 -18.00
N PHE A 73 -13.45 19.13 -18.78
CA PHE A 73 -13.80 17.73 -18.71
C PHE A 73 -13.05 16.95 -19.78
N GLU A 74 -12.44 15.85 -19.39
CA GLU A 74 -11.66 15.05 -20.34
C GLU A 74 -12.54 14.48 -21.45
N SER A 75 -13.86 14.44 -21.26
CA SER A 75 -14.76 13.92 -22.28
C SER A 75 -15.16 14.98 -23.29
N TYR A 76 -14.67 16.20 -23.17
CA TYR A 76 -15.04 17.27 -24.09
C TYR A 76 -14.72 16.86 -25.53
N ARG A 77 -15.75 16.82 -26.38
CA ARG A 77 -15.57 16.38 -27.76
C ARG A 77 -15.07 17.50 -28.67
N SER A 78 -15.15 18.75 -28.23
CA SER A 78 -14.62 19.90 -28.96
C SER A 78 -15.34 20.17 -30.27
N THR A 79 -16.47 19.51 -30.52
CA THR A 79 -17.27 19.73 -31.75
C THR A 79 -17.96 21.09 -31.63
N SER A 80 -18.66 21.36 -30.53
CA SER A 80 -19.35 22.66 -30.29
C SER A 80 -19.33 22.99 -28.80
N ASN A 81 -19.53 24.26 -28.44
CA ASN A 81 -19.57 24.72 -27.02
C ASN A 81 -20.84 25.54 -26.81
N VAL A 82 -21.74 25.08 -25.93
CA VAL A 82 -23.03 25.80 -25.63
C VAL A 82 -22.74 27.30 -25.46
N GLU A 83 -23.45 28.16 -26.19
CA GLU A 83 -23.21 29.63 -26.09
C GLU A 83 -23.44 30.10 -24.66
N ILE A 84 -22.81 31.22 -24.27
CA ILE A 84 -22.93 31.69 -22.89
C ILE A 84 -24.37 32.07 -22.57
N ASP A 85 -25.11 32.56 -23.55
CA ASP A 85 -26.50 32.91 -23.31
C ASP A 85 -27.31 31.69 -22.89
N VAL A 86 -27.11 30.56 -23.57
CA VAL A 86 -27.80 29.34 -23.20
C VAL A 86 -27.32 28.83 -21.85
N LYS A 87 -26.02 28.97 -21.57
CA LYS A 87 -25.49 28.51 -20.28
C LYS A 87 -26.20 29.22 -19.13
N ASP A 88 -26.39 30.53 -19.23
CA ASP A 88 -27.07 31.27 -18.19
C ASP A 88 -28.51 30.79 -18.01
N PHE A 89 -29.07 30.13 -19.03
CA PHE A 89 -30.45 29.65 -18.92
C PHE A 89 -30.53 28.36 -18.12
N ILE A 90 -29.85 27.31 -18.58
CA ILE A 90 -29.96 26.03 -17.89
C ILE A 90 -29.37 26.12 -16.49
N ARG A 91 -28.29 26.89 -16.31
CA ARG A 91 -27.76 27.11 -14.97
C ARG A 91 -28.82 27.74 -14.07
N GLU A 92 -29.71 28.54 -14.64
CA GLU A 92 -30.86 29.06 -13.89
C GLU A 92 -31.89 27.97 -13.68
N VAL A 93 -32.15 27.16 -14.70
CA VAL A 93 -33.18 26.12 -14.60
C VAL A 93 -32.78 25.09 -13.55
N LEU A 94 -31.50 24.69 -13.54
CA LEU A 94 -31.06 23.67 -12.60
C LEU A 94 -31.26 24.13 -11.16
N LEU A 95 -30.90 25.38 -10.86
CA LEU A 95 -31.07 25.87 -9.50
C LEU A 95 -32.54 25.91 -9.10
N LYS A 96 -33.42 26.29 -10.03
CA LYS A 96 -34.84 26.32 -9.73
C LYS A 96 -35.38 24.92 -9.40
N LEU A 97 -34.93 23.92 -10.16
CA LEU A 97 -35.39 22.55 -9.92
C LEU A 97 -34.83 22.01 -8.60
N CYS A 98 -33.53 22.17 -8.38
CA CYS A 98 -32.89 21.58 -7.21
C CYS A 98 -33.35 22.24 -5.92
N LEU A 99 -33.40 23.57 -5.91
CA LEU A 99 -33.71 24.31 -4.69
C LEU A 99 -35.19 24.34 -4.36
N ASN A 100 -36.05 23.81 -5.23
CA ASN A 100 -37.49 23.78 -4.99
C ASN A 100 -37.83 22.44 -4.35
N ASP A 101 -38.26 22.47 -3.09
CA ASP A 101 -38.53 21.25 -2.35
C ASP A 101 -39.72 20.48 -2.88
N ASN A 102 -40.64 21.14 -3.60
CA ASN A 102 -41.83 20.47 -4.11
C ASN A 102 -41.54 19.53 -5.27
N GLU A 103 -40.34 19.60 -5.85
CA GLU A 103 -39.98 18.70 -6.94
C GLU A 103 -39.79 17.29 -6.43
N ASN A 104 -39.93 16.32 -7.34
CA ASN A 104 -39.68 14.93 -6.98
C ASN A 104 -38.21 14.73 -6.63
N THR A 105 -37.95 13.75 -5.76
CA THR A 105 -36.60 13.52 -5.29
C THR A 105 -35.66 13.18 -6.46
N LYS A 106 -36.18 12.45 -7.45
CA LYS A 106 -35.35 12.14 -8.62
C LYS A 106 -35.00 13.39 -9.41
N ILE A 107 -35.94 14.33 -9.54
CA ILE A 107 -35.64 15.58 -10.21
C ILE A 107 -34.68 16.42 -9.39
N LYS A 108 -34.91 16.50 -8.08
CA LYS A 108 -33.99 17.25 -7.21
C LYS A 108 -32.60 16.64 -7.23
N ASN A 109 -32.52 15.31 -7.15
CA ASN A 109 -31.23 14.65 -7.20
C ASN A 109 -30.67 14.65 -8.61
N GLY A 110 -31.54 14.58 -9.62
CA GLY A 110 -31.06 14.66 -10.99
C GLY A 110 -30.45 16.00 -11.33
N ALA A 111 -31.10 17.09 -10.91
CA ALA A 111 -30.57 18.42 -11.17
C ALA A 111 -29.39 18.72 -10.26
N SER A 112 -29.39 18.17 -9.05
CA SER A 112 -28.30 18.43 -8.12
C SER A 112 -26.96 17.93 -8.67
N TYR A 113 -26.98 16.77 -9.33
CA TYR A 113 -25.74 16.23 -9.87
C TYR A 113 -25.20 17.10 -10.99
N CYS A 114 -26.08 17.66 -11.81
CA CYS A 114 -25.64 18.55 -12.87
C CYS A 114 -24.98 19.80 -12.30
N ILE A 115 -25.56 20.37 -11.23
CA ILE A 115 -24.99 21.55 -10.62
C ILE A 115 -23.62 21.23 -10.02
N VAL A 116 -23.46 20.01 -9.48
CA VAL A 116 -22.17 19.62 -8.94
C VAL A 116 -21.11 19.61 -10.03
N GLN A 117 -21.46 19.11 -11.21
CA GLN A 117 -20.52 19.11 -12.33
C GLN A 117 -20.23 20.53 -12.79
N ILE A 118 -21.28 21.32 -13.02
CA ILE A 118 -21.10 22.67 -13.56
C ILE A 118 -20.36 23.55 -12.56
N SER A 119 -20.75 23.48 -11.29
CA SER A 119 -20.14 24.35 -10.28
C SER A 119 -18.65 24.09 -10.13
N ALA A 120 -18.19 22.88 -10.41
CA ALA A 120 -16.76 22.58 -10.34
C ALA A 120 -15.96 23.20 -11.47
N VAL A 121 -16.64 23.75 -12.49
CA VAL A 121 -15.96 24.33 -13.65
C VAL A 121 -16.32 25.81 -13.77
N ASP A 122 -17.59 26.15 -13.54
CA ASP A 122 -18.08 27.50 -13.75
C ASP A 122 -17.92 28.41 -12.54
N PHE A 123 -17.65 27.86 -11.36
CA PHE A 123 -17.57 28.71 -10.17
C PHE A 123 -16.11 28.97 -9.82
N PRO A 124 -15.72 30.22 -9.49
CA PRO A 124 -16.50 31.46 -9.46
C PRO A 124 -16.41 32.28 -10.74
N ASP A 125 -15.62 31.80 -11.72
CA ASP A 125 -15.35 32.61 -12.90
C ASP A 125 -16.62 32.91 -13.69
N GLN A 126 -17.46 31.89 -13.91
CA GLN A 126 -18.63 32.03 -14.76
C GLN A 126 -19.95 31.93 -14.02
N TRP A 127 -19.94 31.59 -12.73
CA TRP A 127 -21.18 31.44 -11.95
C TRP A 127 -21.07 32.17 -10.61
N PRO A 128 -20.92 33.49 -10.62
CA PRO A 128 -20.72 34.20 -9.35
C PRO A 128 -21.88 34.06 -8.39
N GLN A 129 -23.12 33.94 -8.89
CA GLN A 129 -24.29 33.99 -8.03
C GLN A 129 -24.66 32.65 -7.44
N LEU A 130 -23.88 31.60 -7.70
CA LEU A 130 -24.24 30.27 -7.21
C LEU A 130 -24.50 30.27 -5.71
N LEU A 131 -23.48 30.64 -4.92
CA LEU A 131 -23.62 30.59 -3.47
C LEU A 131 -24.63 31.61 -2.98
N THR A 132 -24.73 32.76 -3.66
CA THR A 132 -25.71 33.77 -3.26
C THR A 132 -27.13 33.22 -3.38
N VAL A 133 -27.40 32.48 -4.47
CA VAL A 133 -28.71 31.90 -4.66
C VAL A 133 -28.95 30.78 -3.65
N ILE A 134 -27.94 29.94 -3.41
CA ILE A 134 -28.11 28.83 -2.48
C ILE A 134 -28.39 29.35 -1.07
N TYR A 135 -27.63 30.34 -0.63
CA TYR A 135 -27.84 30.88 0.71
C TYR A 135 -29.15 31.65 0.81
N ASP A 136 -29.60 32.25 -0.28
CA ASP A 136 -30.91 32.90 -0.28
C ASP A 136 -32.01 31.88 -0.06
N ALA A 137 -31.91 30.72 -0.72
CA ALA A 137 -32.92 29.69 -0.56
C ALA A 137 -32.94 29.15 0.88
N ILE A 138 -31.78 28.91 1.46
CA ILE A 138 -31.71 28.33 2.79
C ILE A 138 -32.22 29.33 3.82
N SER A 139 -31.76 30.58 3.75
CA SER A 139 -32.06 31.54 4.80
C SER A 139 -33.51 32.03 4.71
N HIS A 140 -33.99 32.29 3.50
CA HIS A 140 -35.29 32.92 3.31
C HIS A 140 -36.39 31.96 2.88
N GLN A 141 -36.16 31.12 1.88
CA GLN A 141 -37.14 30.14 1.45
C GLN A 141 -37.14 28.88 2.28
N HIS A 142 -36.19 28.75 3.21
CA HIS A 142 -36.11 27.58 4.10
C HIS A 142 -36.07 26.29 3.31
N SER A 143 -35.46 26.32 2.12
CA SER A 143 -35.36 25.12 1.31
C SER A 143 -34.49 24.08 2.02
N LEU A 144 -34.97 22.84 2.07
CA LEU A 144 -34.19 21.77 2.67
C LEU A 144 -33.18 21.20 1.68
N ASN A 145 -33.58 21.07 0.41
CA ASN A 145 -32.66 20.58 -0.60
C ASN A 145 -31.55 21.55 -0.90
N ALA A 146 -31.69 22.82 -0.52
CA ALA A 146 -30.60 23.77 -0.68
C ALA A 146 -29.45 23.45 0.26
N MET A 147 -29.76 23.02 1.49
CA MET A 147 -28.71 22.60 2.41
C MET A 147 -28.07 21.30 1.94
N SER A 148 -28.86 20.41 1.33
CA SER A 148 -28.29 19.19 0.77
C SER A 148 -27.37 19.52 -0.40
N LEU A 149 -27.79 20.45 -1.26
CA LEU A 149 -26.94 20.88 -2.36
C LEU A 149 -25.71 21.62 -1.85
N LEU A 150 -25.89 22.51 -0.88
CA LEU A 150 -24.77 23.28 -0.35
C LEU A 150 -23.70 22.37 0.22
N ASN A 151 -24.11 21.25 0.83
CA ASN A 151 -23.14 20.30 1.37
C ASN A 151 -22.32 19.66 0.25
N GLU A 152 -22.97 19.29 -0.85
CA GLU A 152 -22.28 18.59 -1.92
C GLU A 152 -21.20 19.46 -2.55
N ILE A 153 -21.51 20.73 -2.81
CA ILE A 153 -20.56 21.61 -3.49
C ILE A 153 -19.72 22.43 -2.54
N TYR A 154 -19.83 22.21 -1.23
CA TYR A 154 -19.12 23.06 -0.27
C TYR A 154 -17.62 23.02 -0.51
N ASP A 155 -17.00 21.85 -0.35
CA ASP A 155 -15.55 21.75 -0.45
C ASP A 155 -15.03 22.19 -1.81
N ASP A 156 -15.82 22.04 -2.87
CA ASP A 156 -15.35 22.39 -4.21
C ASP A 156 -15.30 23.90 -4.41
N VAL A 157 -16.25 24.64 -3.83
CA VAL A 157 -16.43 26.04 -4.18
C VAL A 157 -15.82 26.97 -3.14
N VAL A 158 -16.08 26.76 -1.85
CA VAL A 158 -15.70 27.73 -0.83
C VAL A 158 -14.21 27.54 -0.52
N SER A 159 -13.41 28.56 -0.84
CA SER A 159 -12.00 28.54 -0.50
C SER A 159 -11.79 29.05 0.92
N GLU A 160 -10.53 28.97 1.38
CA GLU A 160 -10.21 29.46 2.72
C GLU A 160 -10.52 30.94 2.86
N GLU A 161 -10.18 31.73 1.84
CA GLU A 161 -10.50 33.15 1.87
C GLU A 161 -12.00 33.38 1.94
N MET A 162 -12.79 32.61 1.17
CA MET A 162 -14.23 32.71 1.24
C MET A 162 -14.76 32.30 2.61
N PHE A 163 -14.19 31.24 3.17
CA PHE A 163 -14.72 30.69 4.41
C PHE A 163 -14.44 31.62 5.59
N PHE A 164 -13.18 31.89 5.87
CA PHE A 164 -12.80 32.67 7.04
C PHE A 164 -12.99 34.17 6.82
N GLU A 165 -12.27 34.74 5.86
CA GLU A 165 -12.32 36.18 5.62
C GLU A 165 -13.53 36.60 4.79
N GLY A 166 -14.00 35.73 3.89
CA GLY A 166 -15.09 36.09 3.01
C GLY A 166 -16.46 36.07 3.64
N GLY A 167 -16.60 35.58 4.86
CA GLY A 167 -17.87 35.54 5.54
C GLY A 167 -18.75 34.36 5.19
N ILE A 168 -18.32 33.50 4.26
CA ILE A 168 -19.10 32.30 3.97
C ILE A 168 -19.04 31.33 5.13
N GLY A 169 -17.90 31.27 5.83
CA GLY A 169 -17.77 30.39 6.97
C GLY A 169 -18.70 30.76 8.11
N LEU A 170 -18.73 32.04 8.45
CA LEU A 170 -19.62 32.50 9.51
C LEU A 170 -21.08 32.44 9.08
N ALA A 171 -21.33 32.70 7.79
CA ALA A 171 -22.70 32.64 7.29
C ALA A 171 -23.28 31.24 7.42
N THR A 172 -22.46 30.22 7.15
CA THR A 172 -22.95 28.84 7.24
C THR A 172 -23.20 28.43 8.67
N MET A 173 -22.27 28.77 9.59
CA MET A 173 -22.45 28.37 10.98
C MET A 173 -23.69 29.03 11.58
N GLU A 174 -24.00 30.25 11.18
CA GLU A 174 -25.23 30.89 11.63
C GLU A 174 -26.44 30.11 11.13
N ILE A 175 -26.39 29.64 9.89
CA ILE A 175 -27.48 28.80 9.37
C ILE A 175 -27.54 27.49 10.13
N VAL A 176 -26.38 26.87 10.37
CA VAL A 176 -26.35 25.58 11.06
C VAL A 176 -26.90 25.73 12.47
N PHE A 177 -26.38 26.71 13.21
CA PHE A 177 -26.79 26.88 14.60
C PHE A 177 -28.24 27.32 14.71
N LYS A 178 -28.73 28.08 13.73
CA LYS A 178 -30.15 28.47 13.75
C LYS A 178 -31.04 27.24 13.61
N VAL A 179 -30.67 26.30 12.75
CA VAL A 179 -31.50 25.11 12.55
C VAL A 179 -31.47 24.23 13.79
N LEU A 180 -30.29 24.02 14.36
CA LEU A 180 -30.16 23.13 15.50
C LEU A 180 -30.73 23.73 16.78
N ASN A 181 -30.63 25.05 16.95
CA ASN A 181 -31.21 25.69 18.13
C ASN A 181 -32.73 25.80 18.03
N THR A 182 -33.29 25.76 16.83
CA THR A 182 -34.74 25.80 16.65
C THR A 182 -35.31 24.42 16.98
N GLU A 183 -35.86 24.29 18.19
CA GLU A 183 -36.33 22.99 18.64
C GLU A 183 -37.44 22.44 17.76
N THR A 184 -38.13 23.30 17.02
CA THR A 184 -39.23 22.87 16.15
C THR A 184 -38.76 22.34 14.81
N SER A 185 -37.46 22.40 14.52
CA SER A 185 -36.96 21.90 13.24
C SER A 185 -37.15 20.39 13.15
N THR A 186 -37.54 19.92 11.98
CA THR A 186 -37.71 18.49 11.76
C THR A 186 -36.35 17.79 11.77
N LEU A 187 -36.39 16.47 12.01
CA LEU A 187 -35.15 15.71 12.06
C LEU A 187 -34.40 15.78 10.72
N ILE A 188 -35.13 15.68 9.61
CA ILE A 188 -34.49 15.81 8.30
C ILE A 188 -33.84 17.17 8.15
N ALA A 189 -34.40 18.19 8.79
CA ALA A 189 -33.79 19.52 8.77
C ALA A 189 -32.58 19.59 9.69
N LYS A 190 -32.65 18.93 10.85
CA LYS A 190 -31.50 18.90 11.75
C LYS A 190 -30.39 18.01 11.21
N ILE A 191 -30.76 16.90 10.57
CA ILE A 191 -29.76 16.01 9.99
C ILE A 191 -29.02 16.72 8.86
N ALA A 192 -29.76 17.49 8.05
CA ALA A 192 -29.13 18.25 6.98
C ALA A 192 -28.16 19.29 7.55
N ALA A 193 -28.54 19.95 8.64
CA ALA A 193 -27.66 20.95 9.24
C ALA A 193 -26.43 20.31 9.86
N LEU A 194 -26.59 19.15 10.50
CA LEU A 194 -25.45 18.46 11.10
C LEU A 194 -24.49 17.97 10.04
N LYS A 195 -25.00 17.48 8.90
CA LYS A 195 -24.13 17.14 7.78
C LYS A 195 -23.40 18.37 7.27
N LEU A 196 -24.08 19.52 7.23
CA LEU A 196 -23.44 20.75 6.81
C LEU A 196 -22.48 21.27 7.87
N LEU A 197 -22.70 20.92 9.14
CA LEU A 197 -21.73 21.26 10.18
C LEU A 197 -20.44 20.49 9.97
N LYS A 198 -20.53 19.24 9.52
CA LYS A 198 -19.34 18.46 9.24
C LYS A 198 -18.51 19.09 8.13
N ALA A 199 -19.18 19.70 7.15
CA ALA A 199 -18.47 20.39 6.09
C ALA A 199 -17.69 21.58 6.62
N CYS A 200 -18.28 22.34 7.55
CA CYS A 200 -17.59 23.48 8.12
C CYS A 200 -16.43 23.05 9.01
N LEU A 201 -16.66 22.02 9.84
CA LEU A 201 -15.59 21.54 10.71
C LEU A 201 -14.38 21.07 9.89
N LEU A 202 -14.64 20.49 8.72
CA LEU A 202 -13.53 20.08 7.85
C LEU A 202 -12.74 21.28 7.37
N GLN A 203 -13.42 22.38 7.04
CA GLN A 203 -12.73 23.60 6.64
C GLN A 203 -11.88 24.14 7.79
N MET A 204 -12.44 24.13 9.01
CA MET A 204 -11.73 24.70 10.15
C MET A 204 -10.64 23.78 10.66
N SER A 205 -10.71 22.49 10.33
CA SER A 205 -9.73 21.54 10.85
C SER A 205 -8.32 21.88 10.39
N SER A 206 -8.17 22.17 9.10
CA SER A 206 -6.87 22.54 8.54
C SER A 206 -7.04 23.70 7.57
N HIS A 207 -6.16 24.68 7.70
CA HIS A 207 -6.17 25.84 6.82
C HIS A 207 -4.75 26.37 6.70
N ASN A 208 -4.54 27.20 5.69
CA ASN A 208 -3.18 27.53 5.25
C ASN A 208 -2.33 28.14 6.36
N GLU A 209 -2.93 28.88 7.29
CA GLU A 209 -2.14 29.54 8.33
C GLU A 209 -2.92 29.46 9.64
N TYR A 210 -2.42 28.64 10.57
CA TYR A 210 -3.08 28.50 11.87
C TYR A 210 -2.90 29.74 12.73
N ASP A 211 -1.79 30.46 12.57
CA ASP A 211 -1.43 31.53 13.50
C ASP A 211 -2.29 32.77 13.36
N GLU A 212 -3.03 32.92 12.25
CA GLU A 212 -3.85 34.11 12.07
C GLU A 212 -4.79 34.29 13.24
N ALA A 213 -4.70 35.45 13.92
CA ALA A 213 -5.50 35.66 15.12
C ALA A 213 -6.99 35.60 14.83
N SER A 214 -7.44 36.20 13.73
CA SER A 214 -8.86 36.19 13.40
C SER A 214 -9.37 34.78 13.11
N ARG A 215 -8.57 33.95 12.43
CA ARG A 215 -8.97 32.58 12.17
C ARG A 215 -8.92 31.74 13.43
N LYS A 216 -7.88 31.95 14.25
CA LYS A 216 -7.72 31.13 15.46
C LYS A 216 -8.88 31.36 16.42
N SER A 217 -9.32 32.60 16.57
CA SER A 217 -10.45 32.87 17.45
C SER A 217 -11.75 32.37 16.86
N PHE A 218 -11.98 32.62 15.56
CA PHE A 218 -13.23 32.21 14.93
C PHE A 218 -13.48 30.72 15.12
N VAL A 219 -12.41 29.91 15.08
CA VAL A 219 -12.57 28.47 15.29
C VAL A 219 -13.03 28.20 16.73
N SER A 220 -12.51 28.99 17.68
CA SER A 220 -12.80 28.72 19.09
C SER A 220 -14.29 28.89 19.39
N GLN A 221 -14.87 30.02 19.01
CA GLN A 221 -16.30 30.21 19.29
C GLN A 221 -17.16 29.24 18.50
N CYS A 222 -16.70 28.80 17.33
CA CYS A 222 -17.48 27.85 16.54
C CYS A 222 -17.49 26.47 17.20
N LEU A 223 -16.33 25.99 17.64
CA LEU A 223 -16.28 24.68 18.29
C LEU A 223 -16.95 24.74 19.66
N ALA A 224 -16.69 25.79 20.43
CA ALA A 224 -17.29 25.91 21.75
C ALA A 224 -18.82 25.93 21.65
N THR A 225 -19.35 26.61 20.63
CA THR A 225 -20.80 26.62 20.45
C THR A 225 -21.31 25.30 19.89
N SER A 226 -20.51 24.63 19.06
CA SER A 226 -20.91 23.34 18.53
C SER A 226 -21.10 22.32 19.65
N LEU A 227 -20.10 22.18 20.52
CA LEU A 227 -20.20 21.24 21.62
C LEU A 227 -21.34 21.62 22.56
N GLN A 228 -21.60 22.91 22.72
CA GLN A 228 -22.76 23.35 23.49
C GLN A 228 -24.05 22.87 22.84
N ILE A 229 -24.12 22.96 21.51
CA ILE A 229 -25.33 22.55 20.80
C ILE A 229 -25.42 21.02 20.72
N LEU A 230 -24.31 20.36 20.36
CA LEU A 230 -24.33 18.91 20.26
C LEU A 230 -24.72 18.26 21.58
N GLY A 231 -24.38 18.90 22.70
CA GLY A 231 -24.85 18.41 23.98
C GLY A 231 -26.36 18.54 24.12
N GLN A 232 -26.93 19.64 23.63
CA GLN A 232 -28.37 19.83 23.68
C GLN A 232 -29.08 18.78 22.84
N LEU A 233 -28.56 18.49 21.64
CA LEU A 233 -29.24 17.57 20.74
C LEU A 233 -29.32 16.17 21.33
N LEU A 234 -28.25 15.69 21.95
CA LEU A 234 -28.25 14.36 22.54
C LEU A 234 -29.21 14.23 23.70
N THR A 235 -29.64 15.34 24.30
CA THR A 235 -30.62 15.29 25.37
C THR A 235 -32.05 15.17 24.86
N LEU A 236 -32.27 15.38 23.56
CA LEU A 236 -33.61 15.32 23.00
C LEU A 236 -34.10 13.88 22.92
N ASN A 237 -35.42 13.72 22.96
CA ASN A 237 -36.07 12.43 22.77
C ASN A 237 -37.26 12.62 21.84
N PHE A 238 -37.37 11.74 20.85
CA PHE A 238 -38.45 11.79 19.88
C PHE A 238 -39.37 10.57 19.95
N GLY A 239 -39.21 9.73 20.96
CA GLY A 239 -40.04 8.55 21.05
C GLY A 239 -39.78 7.61 19.89
N ASN A 240 -40.84 6.93 19.41
CA ASN A 240 -40.72 5.99 18.26
C ASN A 240 -41.27 6.65 17.00
N VAL A 241 -41.39 7.97 16.98
CA VAL A 241 -41.99 8.72 15.83
C VAL A 241 -41.35 8.23 14.53
N ASP A 242 -40.02 8.17 14.47
CA ASP A 242 -39.28 7.68 13.27
C ASP A 242 -37.90 7.25 13.76
N VAL A 243 -37.67 5.94 13.94
CA VAL A 243 -36.41 5.48 14.51
C VAL A 243 -35.27 5.58 13.50
N ILE A 244 -35.57 5.36 12.22
CA ILE A 244 -34.51 5.43 11.21
C ILE A 244 -33.95 6.85 11.12
N SER A 245 -34.82 7.85 11.18
CA SER A 245 -34.34 9.23 11.20
C SER A 245 -33.53 9.52 12.46
N GLN A 246 -34.00 9.04 13.62
CA GLN A 246 -33.31 9.37 14.90
C GLN A 246 -31.93 8.72 14.91
N LEU A 247 -31.84 7.51 14.38
CA LEU A 247 -30.55 6.78 14.36
C LEU A 247 -29.57 7.58 13.49
N LYS A 248 -30.00 8.07 12.33
CA LYS A 248 -29.11 8.90 11.46
C LYS A 248 -28.69 10.18 12.19
N PHE A 249 -29.63 10.78 12.93
CA PHE A 249 -29.35 12.00 13.73
C PHE A 249 -28.23 11.72 14.72
N LYS A 250 -28.32 10.59 15.43
CA LYS A 250 -27.29 10.25 16.45
C LYS A 250 -25.98 9.98 15.71
N SER A 251 -26.05 9.27 14.58
CA SER A 251 -24.84 8.98 13.78
C SER A 251 -24.12 10.27 13.48
N ILE A 252 -24.79 11.27 12.92
CA ILE A 252 -24.09 12.52 12.50
C ILE A 252 -23.61 13.28 13.75
N ILE A 253 -24.39 13.33 14.83
CA ILE A 253 -23.87 14.02 16.05
C ILE A 253 -22.55 13.37 16.45
N TYR A 254 -22.50 12.04 16.49
CA TYR A 254 -21.27 11.37 17.02
C TYR A 254 -20.14 11.42 15.99
N GLU A 255 -20.48 11.48 14.69
CA GLU A 255 -19.44 11.66 13.66
C GLU A 255 -18.77 13.02 13.91
N ASN A 256 -19.58 14.04 14.17
CA ASN A 256 -19.05 15.41 14.46
C ASN A 256 -18.26 15.36 15.78
N LEU A 257 -18.69 14.59 16.78
CA LEU A 257 -17.97 14.64 18.09
C LEU A 257 -16.69 13.81 18.02
N VAL A 258 -16.57 12.91 17.04
CA VAL A 258 -15.34 12.09 16.86
C VAL A 258 -14.39 12.92 16.00
N PHE A 259 -14.94 13.82 15.18
CA PHE A 259 -14.06 14.72 14.43
C PHE A 259 -13.52 15.84 15.32
N ILE A 260 -14.41 16.48 16.08
CA ILE A 260 -13.97 17.56 16.97
C ILE A 260 -12.97 17.05 17.99
N LYS A 261 -13.08 15.77 18.37
CA LYS A 261 -12.19 15.19 19.36
C LYS A 261 -10.84 14.77 18.76
N ASN A 262 -10.81 14.35 17.49
CA ASN A 262 -9.61 13.80 16.89
C ASN A 262 -8.86 14.76 15.99
N ASP A 263 -9.55 15.66 15.26
CA ASP A 263 -8.92 16.55 14.30
C ASP A 263 -8.81 17.98 14.82
N PHE A 264 -8.78 18.16 16.14
CA PHE A 264 -8.60 19.48 16.74
C PHE A 264 -7.74 19.35 17.97
N SER A 265 -7.21 20.48 18.42
CA SER A 265 -6.32 20.50 19.58
C SER A 265 -7.07 20.09 20.83
N ARG A 266 -6.31 19.56 21.80
CA ARG A 266 -6.91 19.14 23.07
C ARG A 266 -7.59 20.30 23.79
N LYS A 267 -7.22 21.54 23.45
CA LYS A 267 -7.80 22.70 24.11
C LYS A 267 -9.29 22.80 23.84
N HIS A 268 -9.73 22.50 22.62
CA HIS A 268 -11.09 22.76 22.18
C HIS A 268 -12.11 21.76 22.69
N PHE A 269 -11.68 20.59 23.18
CA PHE A 269 -12.59 19.56 23.65
C PHE A 269 -12.00 19.01 24.95
N SER A 270 -12.41 19.62 26.07
CA SER A 270 -11.77 19.37 27.35
C SER A 270 -12.27 18.07 27.98
N SER A 271 -11.58 17.66 29.04
CA SER A 271 -11.92 16.40 29.71
C SER A 271 -13.33 16.46 30.31
N GLU A 272 -13.73 17.60 30.88
CA GLU A 272 -15.07 17.69 31.45
C GLU A 272 -16.14 17.53 30.38
N LEU A 273 -15.84 17.96 29.15
CA LEU A 273 -16.77 17.70 28.04
C LEU A 273 -16.67 16.25 27.58
N GLN A 274 -15.46 15.67 27.63
CA GLN A 274 -15.30 14.26 27.30
C GLN A 274 -16.10 13.38 28.25
N LYS A 275 -16.08 13.70 29.55
CA LYS A 275 -16.88 12.94 30.51
C LYS A 275 -18.37 13.10 30.22
N GLN A 276 -18.80 14.32 29.87
CA GLN A 276 -20.21 14.55 29.61
C GLN A 276 -20.69 13.74 28.42
N PHE A 277 -19.90 13.70 27.34
CA PHE A 277 -20.30 12.95 26.16
C PHE A 277 -20.01 11.47 26.29
N LYS A 278 -19.07 11.08 27.16
CA LYS A 278 -18.85 9.66 27.42
C LYS A 278 -20.09 9.04 28.06
N ILE A 279 -20.70 9.74 29.01
CA ILE A 279 -21.92 9.24 29.64
C ILE A 279 -23.04 9.18 28.61
N MET A 280 -23.13 10.16 27.72
CA MET A 280 -24.21 10.15 26.70
C MET A 280 -23.96 9.00 25.71
N ALA A 281 -22.72 8.74 25.30
CA ALA A 281 -22.44 7.70 24.28
C ALA A 281 -22.84 6.31 24.78
N ILE A 282 -22.52 5.98 26.03
CA ILE A 282 -22.86 4.65 26.61
C ILE A 282 -24.39 4.52 26.68
N GLN A 283 -25.10 5.60 27.01
CA GLN A 283 -26.57 5.56 27.14
C GLN A 283 -27.19 5.44 25.75
N ASP A 284 -26.51 5.97 24.72
CA ASP A 284 -27.01 5.83 23.33
C ASP A 284 -26.76 4.39 22.87
N LEU A 285 -25.67 3.76 23.32
CA LEU A 285 -25.48 2.31 22.98
C LEU A 285 -26.67 1.52 23.51
N GLU A 286 -27.10 1.71 24.76
CA GLU A 286 -28.29 1.05 25.28
C GLU A 286 -29.53 1.43 24.47
N ASN A 287 -29.68 2.72 24.19
CA ASN A 287 -30.85 3.17 23.42
C ASN A 287 -30.83 2.60 22.01
N VAL A 288 -29.66 2.62 21.36
CA VAL A 288 -29.59 2.19 19.97
C VAL A 288 -29.94 0.71 19.85
N THR A 289 -29.44 -0.12 20.76
CA THR A 289 -29.74 -1.55 20.71
C THR A 289 -31.19 -1.85 21.07
N HIS A 290 -31.79 -1.08 22.00
CA HIS A 290 -33.19 -1.29 22.33
C HIS A 290 -34.10 -0.87 21.18
N ILE A 291 -33.75 0.18 20.44
CA ILE A 291 -34.51 0.56 19.25
C ILE A 291 -34.52 -0.58 18.24
N ASN A 292 -33.49 -1.43 18.25
CA ASN A 292 -33.42 -2.55 17.34
C ASN A 292 -34.40 -3.64 17.75
N ALA A 293 -35.69 -3.36 17.64
CA ALA A 293 -36.73 -4.32 17.99
C ALA A 293 -37.14 -5.14 16.78
N PRO A 302 -34.58 -1.54 6.60
CA PRO A 302 -33.15 -1.37 6.84
C PRO A 302 -32.84 -0.86 8.24
N LEU A 303 -33.70 -1.20 9.21
CA LEU A 303 -33.51 -0.73 10.57
C LEU A 303 -32.19 -1.23 11.16
N LEU A 304 -31.91 -2.53 10.97
CA LEU A 304 -30.71 -3.10 11.59
C LEU A 304 -29.45 -2.47 11.04
N GLU A 305 -29.40 -2.22 9.72
CA GLU A 305 -28.21 -1.61 9.14
C GLU A 305 -27.99 -0.20 9.68
N THR A 306 -29.06 0.58 9.81
CA THR A 306 -28.93 1.90 10.41
C THR A 306 -28.54 1.81 11.88
N VAL A 307 -29.02 0.78 12.58
CA VAL A 307 -28.59 0.55 13.96
C VAL A 307 -27.09 0.26 14.00
N HIS A 308 -26.60 -0.52 13.04
CA HIS A 308 -25.19 -0.86 13.03
C HIS A 308 -24.34 0.28 12.46
N ASP A 309 -24.89 1.04 11.50
CA ASP A 309 -24.17 2.21 11.00
C ASP A 309 -24.06 3.28 12.07
N CYS A 310 -25.13 3.49 12.84
CA CYS A 310 -25.09 4.46 13.94
C CYS A 310 -24.13 4.00 15.02
N SER A 311 -24.11 2.70 15.32
CA SER A 311 -23.29 2.21 16.43
C SER A 311 -21.80 2.30 16.12
N ILE A 312 -21.43 2.35 14.83
CA ILE A 312 -20.01 2.50 14.50
C ILE A 312 -19.48 3.80 15.05
N TYR A 313 -20.27 4.88 14.96
CA TYR A 313 -19.81 6.19 15.40
C TYR A 313 -19.92 6.35 16.91
N ILE A 314 -20.94 5.77 17.54
CA ILE A 314 -21.04 5.83 18.98
C ILE A 314 -19.87 5.10 19.63
N VAL A 315 -19.52 3.92 19.09
CA VAL A 315 -18.35 3.20 19.59
C VAL A 315 -17.07 3.89 19.15
N GLU A 316 -17.08 4.54 17.98
CA GLU A 316 -15.88 5.25 17.54
C GLU A 316 -15.58 6.43 18.44
N PHE A 317 -16.60 7.02 19.06
CA PHE A 317 -16.36 8.07 20.05
C PHE A 317 -15.79 7.49 21.34
N LEU A 318 -16.36 6.38 21.81
CA LEU A 318 -15.85 5.74 23.01
C LEU A 318 -14.40 5.34 22.86
N THR A 319 -13.99 4.94 21.64
CA THR A 319 -12.58 4.67 21.39
C THR A 319 -11.74 5.92 21.59
N SER A 320 -12.28 7.10 21.31
CA SER A 320 -11.53 8.34 21.45
C SER A 320 -11.39 8.73 22.92
N VAL A 321 -12.45 8.56 23.70
CA VAL A 321 -12.44 8.92 25.12
C VAL A 321 -12.15 7.68 25.95
N CYS A 322 -11.59 6.64 25.31
CA CYS A 322 -11.26 5.41 26.03
C CYS A 322 -10.30 5.63 27.18
N THR A 323 -9.51 6.70 27.15
CA THR A 323 -8.61 6.99 28.26
C THR A 323 -9.34 7.40 29.53
N LEU A 324 -10.58 7.87 29.40
CA LEU A 324 -11.36 8.24 30.57
C LEU A 324 -11.74 7.00 31.37
N GLN A 325 -11.79 7.16 32.69
CA GLN A 325 -12.11 6.03 33.56
C GLN A 325 -13.58 5.65 33.41
N PHE A 326 -13.83 4.38 33.13
CA PHE A 326 -15.17 3.84 33.01
C PHE A 326 -15.57 3.22 34.35
N SER A 327 -16.75 3.60 34.84
CA SER A 327 -17.25 2.98 36.05
C SER A 327 -17.65 1.53 35.79
N VAL A 328 -17.66 0.73 36.85
CA VAL A 328 -18.04 -0.67 36.72
C VAL A 328 -19.45 -0.78 36.15
N GLU A 329 -20.33 0.15 36.50
CA GLU A 329 -21.68 0.15 35.92
C GLU A 329 -21.62 0.47 34.43
N GLU A 330 -20.72 1.35 34.02
CA GLU A 330 -20.65 1.74 32.61
C GLU A 330 -19.97 0.67 31.78
N MET A 331 -19.03 -0.09 32.36
CA MET A 331 -18.44 -1.20 31.63
C MET A 331 -19.48 -2.27 31.33
N ASN A 332 -20.39 -2.52 32.27
CA ASN A 332 -21.47 -3.48 32.02
C ASN A 332 -22.35 -3.02 30.87
N LYS A 333 -22.65 -1.72 30.80
CA LYS A 333 -23.49 -1.21 29.72
C LYS A 333 -22.78 -1.34 28.37
N ILE A 334 -21.46 -1.14 28.35
CA ILE A 334 -20.72 -1.24 27.10
C ILE A 334 -20.67 -2.69 26.63
N ILE A 335 -20.39 -3.62 27.56
CA ILE A 335 -20.29 -5.03 27.18
C ILE A 335 -21.66 -5.59 26.84
N THR A 336 -22.69 -5.20 27.60
CA THR A 336 -24.04 -5.66 27.30
C THR A 336 -24.50 -5.16 25.93
N SER A 337 -24.17 -3.91 25.60
CA SER A 337 -24.58 -3.35 24.33
C SER A 337 -23.76 -3.90 23.17
N LEU A 338 -22.45 -4.11 23.39
CA LEU A 338 -21.61 -4.66 22.34
C LEU A 338 -21.91 -6.13 22.09
N THR A 339 -22.33 -6.86 23.11
CA THR A 339 -22.73 -8.25 22.91
C THR A 339 -23.90 -8.35 21.94
N ILE A 340 -24.69 -7.28 21.82
CA ILE A 340 -25.84 -7.30 20.91
C ILE A 340 -25.48 -6.73 19.55
N LEU A 341 -24.47 -5.87 19.48
CA LEU A 341 -24.04 -5.29 18.22
C LEU A 341 -22.95 -6.09 17.53
N CYS A 342 -22.18 -6.86 18.28
CA CYS A 342 -21.08 -7.64 17.73
C CYS A 342 -21.47 -9.07 17.40
N GLN A 343 -22.76 -9.41 17.47
CA GLN A 343 -23.19 -10.74 17.08
C GLN A 343 -23.49 -10.78 15.59
N LEU A 344 -23.18 -11.92 14.96
CA LEU A 344 -23.31 -12.03 13.52
C LEU A 344 -24.78 -12.07 13.11
N SER A 345 -25.15 -11.22 12.15
CA SER A 345 -26.50 -11.22 11.63
C SER A 345 -26.77 -12.52 10.86
N SER A 346 -28.05 -12.88 10.79
CA SER A 346 -28.41 -14.11 10.11
C SER A 346 -27.94 -14.11 8.66
N GLU A 347 -27.87 -12.93 8.05
CA GLU A 347 -27.37 -12.84 6.68
C GLU A 347 -25.90 -13.24 6.60
N THR A 348 -25.10 -12.79 7.56
CA THR A 348 -23.67 -13.11 7.55
C THR A 348 -23.41 -14.55 7.98
N ARG A 349 -24.26 -15.11 8.85
CA ARG A 349 -24.11 -16.51 9.20
C ARG A 349 -24.31 -17.40 7.98
N GLU A 350 -25.31 -17.08 7.15
CA GLU A 350 -25.54 -17.85 5.93
C GLU A 350 -24.37 -17.70 4.96
N ILE A 351 -23.83 -16.48 4.84
CA ILE A 351 -22.72 -16.25 3.92
C ILE A 351 -21.51 -17.07 4.35
N TRP A 352 -21.18 -17.04 5.64
CA TRP A 352 -20.00 -17.76 6.11
C TRP A 352 -20.20 -19.26 6.02
N THR A 353 -21.37 -19.76 6.39
CA THR A 353 -21.61 -21.21 6.37
C THR A 353 -21.59 -21.74 4.93
N SER A 354 -22.19 -21.02 3.99
CA SER A 354 -22.27 -21.49 2.62
C SER A 354 -20.92 -21.44 1.92
N ASP A 355 -20.12 -20.39 2.18
CA ASP A 355 -18.81 -20.21 1.54
C ASP A 355 -17.81 -19.86 2.63
N PHE A 356 -17.09 -20.86 3.13
CA PHE A 356 -16.11 -20.62 4.18
C PHE A 356 -14.98 -19.72 3.72
N ASN A 357 -14.79 -19.54 2.41
CA ASN A 357 -13.77 -18.63 1.92
C ASN A 357 -14.05 -17.19 2.32
N THR A 358 -15.32 -16.85 2.58
CA THR A 358 -15.63 -15.51 3.06
C THR A 358 -15.25 -15.37 4.54
N PHE A 359 -15.45 -16.42 5.32
CA PHE A 359 -15.05 -16.40 6.73
C PHE A 359 -13.55 -16.26 6.87
N VAL A 360 -12.79 -16.98 6.04
CA VAL A 360 -11.33 -16.94 6.13
C VAL A 360 -10.81 -15.56 5.71
N SER A 361 -11.41 -14.98 4.67
CA SER A 361 -10.97 -13.65 4.23
C SER A 361 -11.19 -12.61 5.32
N LYS A 362 -12.32 -12.68 6.02
CA LYS A 362 -12.57 -11.74 7.10
C LYS A 362 -11.70 -12.06 8.31
N GLU A 363 -11.58 -13.33 8.66
CA GLU A 363 -10.77 -13.71 9.81
C GLU A 363 -9.30 -13.39 9.59
N THR A 364 -8.80 -13.58 8.37
CA THR A 364 -7.42 -13.25 8.05
C THR A 364 -7.18 -11.75 8.01
N GLY A 365 -8.24 -10.94 8.07
CA GLY A 365 -8.07 -9.50 8.05
C GLY A 365 -7.93 -8.90 6.67
N LEU A 366 -8.41 -9.60 5.64
CA LEU A 366 -8.29 -9.12 4.26
C LEU A 366 -9.59 -8.63 3.65
N ALA A 367 -10.73 -8.94 4.27
CA ALA A 367 -12.01 -8.47 3.74
C ALA A 367 -12.10 -6.95 3.84
N ALA A 368 -12.78 -6.36 2.86
CA ALA A 368 -12.89 -4.91 2.79
C ALA A 368 -13.91 -4.36 3.79
N SER A 369 -14.92 -5.15 4.15
CA SER A 369 -15.99 -4.66 5.00
C SER A 369 -15.44 -4.23 6.35
N TYR A 370 -15.93 -3.07 6.80
CA TYR A 370 -15.59 -2.58 8.17
C TYR A 370 -16.93 -2.31 8.85
N ASN A 371 -17.18 -2.95 9.99
CA ASN A 371 -18.48 -2.87 10.66
C ASN A 371 -18.24 -2.76 12.16
N VAL A 372 -19.31 -2.91 12.94
CA VAL A 372 -19.21 -2.76 14.39
C VAL A 372 -18.27 -3.82 14.96
N ARG A 373 -18.19 -4.99 14.34
CA ARG A 373 -17.26 -6.03 14.80
C ARG A 373 -15.83 -5.51 14.76
N ASP A 374 -15.52 -4.62 13.83
CA ASP A 374 -14.13 -4.08 13.73
C ASP A 374 -13.94 -2.85 14.62
N GLN A 375 -14.98 -2.03 14.79
CA GLN A 375 -14.88 -0.86 15.70
C GLN A 375 -14.81 -1.34 17.15
N ALA A 376 -15.44 -2.47 17.48
CA ALA A 376 -15.30 -2.99 18.86
C ALA A 376 -13.86 -3.46 19.06
N ASN A 377 -13.24 -4.02 18.03
CA ASN A 377 -11.81 -4.40 18.12
C ASN A 377 -11.00 -3.13 18.36
N GLU A 378 -11.33 -2.05 17.64
CA GLU A 378 -10.51 -0.81 17.78
C GLU A 378 -10.74 -0.23 19.17
N PHE A 379 -11.91 -0.45 19.77
CA PHE A 379 -12.23 0.08 21.12
C PHE A 379 -11.45 -0.72 22.17
N PHE A 380 -11.59 -2.04 22.15
CA PHE A 380 -10.94 -2.87 23.16
C PHE A 380 -9.43 -2.90 22.98
N THR A 381 -8.95 -2.72 21.75
CA THR A 381 -7.51 -2.69 21.52
C THR A 381 -6.89 -1.38 21.99
N SER A 382 -7.70 -0.34 22.19
CA SER A 382 -7.19 0.97 22.57
C SER A 382 -7.26 1.23 24.07
N LEU A 383 -7.92 0.37 24.84
CA LEU A 383 -8.10 0.63 26.25
C LEU A 383 -6.74 0.63 26.97
N PRO A 384 -6.56 1.47 27.99
CA PRO A 384 -5.37 1.37 28.82
C PRO A 384 -5.50 0.26 29.86
N ASN A 385 -4.37 -0.08 30.47
CA ASN A 385 -4.33 -1.24 31.37
C ASN A 385 -5.31 -1.14 32.53
N PRO A 386 -5.45 0.00 33.23
CA PRO A 386 -6.36 0.02 34.38
C PRO A 386 -7.78 -0.33 34.00
N GLN A 387 -8.21 -0.02 32.78
CA GLN A 387 -9.56 -0.33 32.32
C GLN A 387 -9.61 -1.68 31.61
N LEU A 388 -8.57 -2.01 30.86
CA LEU A 388 -8.55 -3.29 30.15
C LEU A 388 -8.67 -4.46 31.13
N SER A 389 -8.01 -4.37 32.27
CA SER A 389 -8.09 -5.43 33.26
C SER A 389 -9.52 -5.60 33.78
N LEU A 390 -10.22 -4.48 33.99
CA LEU A 390 -11.58 -4.57 34.52
C LEU A 390 -12.58 -5.00 33.45
N ILE A 391 -12.35 -4.60 32.19
CA ILE A 391 -13.21 -5.06 31.11
C ILE A 391 -13.14 -6.58 30.96
N PHE A 392 -11.93 -7.14 31.06
CA PHE A 392 -11.77 -8.58 30.92
C PHE A 392 -12.59 -9.32 31.97
N LYS A 393 -12.60 -8.81 33.21
CA LYS A 393 -13.39 -9.44 34.26
C LYS A 393 -14.88 -9.41 33.90
N VAL A 394 -15.35 -8.31 33.31
CA VAL A 394 -16.75 -8.22 32.92
C VAL A 394 -17.04 -9.19 31.78
N VAL A 395 -16.20 -9.19 30.76
CA VAL A 395 -16.41 -10.09 29.62
C VAL A 395 -16.26 -11.54 30.06
N SER A 396 -15.23 -11.84 30.85
CA SER A 396 -15.04 -13.20 31.34
C SER A 396 -16.22 -13.64 32.20
N ASN A 397 -16.72 -12.75 33.06
CA ASN A 397 -17.86 -13.09 33.90
C ASN A 397 -19.11 -13.35 33.06
N ASP A 398 -19.33 -12.54 32.01
CA ASP A 398 -20.50 -12.75 31.16
C ASP A 398 -20.44 -14.08 30.44
N ILE A 399 -19.24 -14.53 30.06
CA ILE A 399 -19.11 -15.79 29.33
C ILE A 399 -19.55 -16.95 30.20
N GLU A 400 -19.08 -17.01 31.44
CA GLU A 400 -19.39 -18.14 32.31
C GLU A 400 -20.88 -18.18 32.64
N HIS A 401 -21.57 -17.05 32.54
CA HIS A 401 -23.02 -17.02 32.74
C HIS A 401 -23.79 -17.17 31.43
N SER A 402 -23.18 -16.80 30.31
CA SER A 402 -23.81 -16.91 29.00
C SER A 402 -23.42 -18.19 28.27
N THR A 403 -22.69 -19.09 28.92
CA THR A 403 -22.22 -20.30 28.24
C THR A 403 -23.36 -21.15 27.71
N CYS A 404 -24.53 -21.09 28.33
CA CYS A 404 -25.69 -21.86 27.89
C CYS A 404 -26.57 -21.08 26.93
N ASN A 405 -26.22 -19.84 26.62
CA ASN A 405 -27.00 -18.99 25.70
C ASN A 405 -26.17 -18.84 24.43
N TYR A 406 -26.41 -19.74 23.47
CA TYR A 406 -25.66 -19.73 22.22
C TYR A 406 -25.99 -18.53 21.34
N SER A 407 -27.07 -17.80 21.63
CA SER A 407 -27.38 -16.62 20.84
C SER A 407 -26.32 -15.55 21.01
N THR A 408 -25.82 -15.37 22.23
CA THR A 408 -24.83 -14.33 22.53
C THR A 408 -23.43 -14.85 22.76
N LEU A 409 -23.26 -16.17 22.91
CA LEU A 409 -21.95 -16.70 23.29
C LEU A 409 -20.90 -16.39 22.24
N GLU A 410 -21.24 -16.51 20.95
CA GLU A 410 -20.27 -16.20 19.91
C GLU A 410 -19.85 -14.74 19.96
N SER A 411 -20.80 -13.84 20.21
CA SER A 411 -20.47 -12.42 20.32
C SER A 411 -19.53 -12.16 21.50
N LEU A 412 -19.82 -12.78 22.65
CA LEU A 412 -18.98 -12.58 23.82
C LEU A 412 -17.57 -13.12 23.59
N LEU A 413 -17.46 -14.27 22.93
CA LEU A 413 -16.13 -14.82 22.64
C LEU A 413 -15.36 -13.91 21.70
N TYR A 414 -16.05 -13.14 20.86
CA TYR A 414 -15.35 -12.18 20.02
C TYR A 414 -14.84 -11.00 20.83
N LEU A 415 -15.66 -10.46 21.72
CA LEU A 415 -15.19 -9.39 22.59
C LEU A 415 -14.00 -9.85 23.41
N LEU A 416 -14.00 -11.10 23.86
CA LEU A 416 -12.85 -11.64 24.57
C LEU A 416 -11.65 -11.73 23.64
N GLN A 417 -11.89 -12.06 22.37
CA GLN A 417 -10.79 -12.09 21.41
C GLN A 417 -10.22 -10.71 21.17
N CYS A 418 -11.08 -9.69 21.13
CA CYS A 418 -10.60 -8.33 20.94
C CYS A 418 -9.82 -7.84 22.15
N ILE A 419 -10.27 -8.19 23.36
CA ILE A 419 -9.58 -7.76 24.57
C ILE A 419 -8.19 -8.38 24.62
N LEU A 420 -8.09 -9.67 24.31
CA LEU A 420 -6.80 -10.36 24.35
C LEU A 420 -5.88 -9.97 23.20
N LEU A 421 -6.36 -9.21 22.23
CA LEU A 421 -5.51 -8.65 21.19
C LEU A 421 -4.85 -7.35 21.62
N ASN A 422 -5.24 -6.79 22.76
CA ASN A 422 -4.63 -5.56 23.24
C ASN A 422 -3.18 -5.81 23.62
N ASP A 423 -2.32 -4.81 23.36
CA ASP A 423 -0.90 -4.93 23.64
C ASP A 423 -0.58 -4.85 25.12
N ASP A 424 -1.43 -4.24 25.94
CA ASP A 424 -1.19 -4.17 27.37
C ASP A 424 -1.43 -5.54 28.01
N GLU A 425 -0.78 -5.77 29.13
CA GLU A 425 -0.88 -7.03 29.87
C GLU A 425 -1.97 -6.92 30.92
N ILE A 426 -2.91 -7.87 30.90
CA ILE A 426 -3.97 -7.90 31.89
C ILE A 426 -3.41 -8.40 33.21
N THR A 427 -3.65 -7.63 34.28
CA THR A 427 -3.07 -7.94 35.58
C THR A 427 -4.10 -7.66 36.66
N GLY A 428 -3.79 -8.09 37.88
CA GLY A 428 -4.71 -8.03 38.99
C GLY A 428 -4.93 -9.40 39.58
N GLU A 429 -5.10 -9.47 40.91
CA GLU A 429 -5.20 -10.77 41.57
C GLU A 429 -6.42 -11.56 41.12
N ASN A 430 -7.57 -10.90 40.99
CA ASN A 430 -8.80 -11.61 40.66
C ASN A 430 -8.77 -12.23 39.27
N ILE A 431 -7.93 -11.74 38.35
CA ILE A 431 -7.88 -12.31 37.01
C ILE A 431 -7.41 -13.75 37.04
N ASP A 432 -6.61 -14.11 38.05
CA ASP A 432 -6.19 -15.50 38.19
C ASP A 432 -7.39 -16.42 38.41
N GLN A 433 -8.36 -15.98 39.21
CA GLN A 433 -9.58 -16.77 39.41
C GLN A 433 -10.44 -16.77 38.15
N SER A 434 -10.65 -15.60 37.56
CA SER A 434 -11.49 -15.52 36.36
C SER A 434 -10.86 -16.29 35.21
N LEU A 435 -9.54 -16.25 35.08
CA LEU A 435 -8.86 -16.94 33.99
C LEU A 435 -9.09 -18.44 34.06
N GLN A 436 -8.99 -19.02 35.27
CA GLN A 436 -9.16 -20.47 35.39
C GLN A 436 -10.56 -20.90 35.01
N ILE A 437 -11.58 -20.13 35.42
CA ILE A 437 -12.95 -20.44 35.01
C ILE A 437 -13.11 -20.27 33.51
N LEU A 438 -12.45 -19.26 32.94
CA LEU A 438 -12.52 -19.05 31.50
C LEU A 438 -11.91 -20.23 30.74
N ILE A 439 -10.78 -20.75 31.22
CA ILE A 439 -10.14 -21.87 30.56
C ILE A 439 -11.06 -23.09 30.56
N LYS A 440 -11.68 -23.37 31.70
CA LYS A 440 -12.58 -24.50 31.79
C LYS A 440 -13.80 -24.32 30.89
N THR A 441 -14.28 -23.09 30.75
CA THR A 441 -15.42 -22.83 29.86
C THR A 441 -15.05 -23.12 28.41
N LEU A 442 -13.86 -22.71 27.99
CA LEU A 442 -13.45 -22.97 26.61
C LEU A 442 -13.32 -24.46 26.34
N GLU A 443 -12.82 -25.21 27.31
CA GLU A 443 -12.73 -26.66 27.13
C GLU A 443 -14.11 -27.28 26.95
N ASN A 444 -15.09 -26.81 27.71
CA ASN A 444 -16.44 -27.36 27.60
C ASN A 444 -17.03 -27.09 26.22
N ILE A 445 -16.73 -25.92 25.64
CA ILE A 445 -17.24 -25.61 24.31
C ILE A 445 -16.69 -26.60 23.29
N LEU A 446 -15.39 -26.88 23.36
CA LEU A 446 -14.80 -27.84 22.42
C LEU A 446 -15.40 -29.24 22.61
N VAL A 447 -15.59 -29.65 23.86
CA VAL A 447 -16.14 -30.98 24.13
C VAL A 447 -17.63 -31.07 23.83
N SER A 448 -18.34 -29.96 23.86
CA SER A 448 -19.79 -29.99 23.63
C SER A 448 -20.08 -30.55 22.25
N GLN A 449 -21.00 -31.51 22.19
CA GLN A 449 -21.32 -32.14 20.91
C GLN A 449 -22.34 -31.34 20.11
N GLU A 450 -23.25 -30.65 20.79
CA GLU A 450 -24.31 -29.90 20.12
C GLU A 450 -23.95 -28.42 19.94
N ILE A 451 -22.69 -28.06 20.12
CA ILE A 451 -22.31 -26.65 19.98
C ILE A 451 -22.56 -26.18 18.56
N PRO A 452 -23.06 -24.97 18.32
CA PRO A 452 -23.21 -24.49 16.95
C PRO A 452 -21.88 -24.30 16.26
N GLU A 453 -21.94 -24.17 14.93
CA GLU A 453 -20.74 -24.15 14.12
C GLU A 453 -19.89 -22.91 14.42
N LEU A 454 -20.49 -21.73 14.38
CA LEU A 454 -19.72 -20.49 14.50
C LEU A 454 -19.25 -20.23 15.93
N ILE A 455 -19.92 -20.78 16.93
CA ILE A 455 -19.41 -20.69 18.29
C ILE A 455 -18.17 -21.56 18.45
N LEU A 456 -18.18 -22.74 17.84
CA LEU A 456 -17.02 -23.62 17.90
C LEU A 456 -15.84 -23.02 17.14
N ALA A 457 -16.11 -22.38 16.00
CA ALA A 457 -15.04 -21.76 15.24
C ALA A 457 -14.40 -20.60 16.02
N ARG A 458 -15.21 -19.88 16.80
CA ARG A 458 -14.67 -18.78 17.59
C ARG A 458 -13.91 -19.29 18.80
N ALA A 459 -14.41 -20.35 19.44
CA ALA A 459 -13.70 -20.93 20.58
C ALA A 459 -12.34 -21.46 20.15
N ILE A 460 -12.26 -22.04 18.95
CA ILE A 460 -10.99 -22.54 18.44
C ILE A 460 -10.03 -21.38 18.20
N LEU A 461 -10.56 -20.23 17.76
CA LEU A 461 -9.71 -19.09 17.44
C LEU A 461 -9.36 -18.27 18.67
N THR A 462 -10.21 -18.30 19.70
CA THR A 462 -9.95 -17.48 20.89
C THR A 462 -8.97 -18.18 21.84
N ILE A 463 -8.94 -19.51 21.83
CA ILE A 463 -8.07 -20.24 22.75
C ILE A 463 -6.61 -19.85 22.57
N PRO A 464 -6.08 -19.74 21.34
CA PRO A 464 -4.70 -19.27 21.19
C PRO A 464 -4.47 -17.91 21.84
N ARG A 465 -5.45 -17.01 21.75
CA ARG A 465 -5.30 -15.69 22.35
C ARG A 465 -5.22 -15.78 23.87
N VAL A 466 -6.06 -16.62 24.48
CA VAL A 466 -6.08 -16.73 25.94
C VAL A 466 -4.72 -17.21 26.44
N LEU A 467 -4.16 -18.23 25.79
CA LEU A 467 -2.87 -18.77 26.20
C LEU A 467 -1.75 -17.78 25.95
N ASP A 468 -1.77 -17.08 24.82
CA ASP A 468 -0.73 -16.11 24.50
C ASP A 468 -0.75 -14.96 25.49
N LYS A 469 -1.93 -14.42 25.78
CA LYS A 469 -2.03 -13.31 26.72
C LYS A 469 -1.56 -13.70 28.12
N PHE A 470 -1.94 -14.89 28.57
CA PHE A 470 -1.57 -15.38 29.89
C PHE A 470 -0.48 -16.44 29.80
N ILE A 471 0.47 -16.24 28.88
CA ILE A 471 1.60 -17.14 28.76
C ILE A 471 2.36 -17.20 30.08
N ASP A 472 2.48 -16.06 30.76
CA ASP A 472 3.01 -16.00 32.11
C ASP A 472 1.85 -16.01 33.11
N ALA A 473 2.19 -16.26 34.37
CA ALA A 473 1.21 -16.30 35.45
C ALA A 473 0.08 -17.28 35.13
N LEU A 474 0.45 -18.44 34.60
CA LEU A 474 -0.51 -19.51 34.32
C LEU A 474 0.18 -20.85 34.53
N PRO A 475 -0.12 -21.58 35.60
CA PRO A 475 0.58 -22.85 35.83
C PRO A 475 0.25 -23.86 34.74
N ASP A 476 1.22 -24.75 34.50
CA ASP A 476 1.11 -25.80 33.48
C ASP A 476 0.54 -25.23 32.17
N ILE A 477 1.19 -24.20 31.63
CA ILE A 477 0.77 -23.65 30.34
C ILE A 477 1.07 -24.65 29.22
N LYS A 478 2.22 -25.34 29.29
CA LYS A 478 2.57 -26.27 28.22
C LYS A 478 1.55 -27.39 28.08
N PRO A 479 1.12 -28.07 29.13
CA PRO A 479 0.06 -29.07 28.97
C PRO A 479 -1.21 -28.52 28.35
N LEU A 480 -1.59 -27.29 28.69
CA LEU A 480 -2.78 -26.69 28.10
C LEU A 480 -2.59 -26.49 26.60
N THR A 481 -1.42 -26.01 26.20
CA THR A 481 -1.16 -25.80 24.77
C THR A 481 -1.26 -27.11 24.00
N SER A 482 -0.67 -28.18 24.54
CA SER A 482 -0.78 -29.49 23.90
C SER A 482 -2.21 -30.01 23.95
N ALA A 483 -2.88 -29.85 25.10
CA ALA A 483 -4.24 -30.34 25.25
C ALA A 483 -5.20 -29.60 24.32
N PHE A 484 -5.07 -28.27 24.23
CA PHE A 484 -5.97 -27.50 23.38
C PHE A 484 -5.66 -27.70 21.91
N LEU A 485 -4.38 -27.68 21.54
CA LEU A 485 -4.02 -27.82 20.14
C LEU A 485 -4.43 -29.18 19.60
N ALA A 486 -4.22 -30.25 20.39
CA ALA A 486 -4.64 -31.58 19.97
C ALA A 486 -6.15 -31.65 19.82
N LYS A 487 -6.88 -31.05 20.77
CA LYS A 487 -8.34 -31.13 20.73
C LYS A 487 -8.91 -30.36 19.55
N SER A 488 -8.31 -29.21 19.22
CA SER A 488 -8.83 -28.41 18.11
C SER A 488 -8.53 -29.08 16.78
N LEU A 489 -7.36 -29.69 16.64
CA LEU A 489 -7.05 -30.40 15.40
C LEU A 489 -7.98 -31.59 15.22
N ASN A 490 -8.26 -32.34 16.30
CA ASN A 490 -9.16 -33.47 16.20
C ASN A 490 -10.54 -33.05 15.74
N LEU A 491 -11.04 -31.93 16.28
CA LEU A 491 -12.35 -31.44 15.86
C LEU A 491 -12.39 -31.13 14.38
N ALA A 492 -11.30 -30.54 13.86
CA ALA A 492 -11.26 -30.23 12.44
C ALA A 492 -11.31 -31.50 11.59
N LEU A 493 -10.62 -32.55 12.02
CA LEU A 493 -10.54 -33.77 11.22
C LEU A 493 -11.89 -34.49 11.19
N LYS A 494 -12.52 -34.67 12.35
CA LYS A 494 -13.77 -35.42 12.41
C LYS A 494 -14.97 -34.48 12.28
N SER A 495 -14.96 -33.63 11.25
CA SER A 495 -16.07 -32.71 11.02
C SER A 495 -16.20 -32.46 9.53
N ASP A 496 -17.46 -32.36 9.08
CA ASP A 496 -17.73 -32.09 7.68
C ASP A 496 -17.80 -30.60 7.37
N LYS A 497 -17.69 -29.74 8.38
CA LYS A 497 -17.73 -28.30 8.19
C LYS A 497 -16.36 -27.83 7.76
N GLU A 498 -16.26 -27.25 6.57
CA GLU A 498 -15.00 -26.67 6.13
C GLU A 498 -14.68 -25.39 6.88
N LEU A 499 -15.70 -24.73 7.44
CA LEU A 499 -15.44 -23.55 8.26
C LEU A 499 -14.64 -23.90 9.51
N ILE A 500 -14.98 -25.04 10.14
CA ILE A 500 -14.23 -25.47 11.32
C ILE A 500 -12.82 -25.89 10.92
N LYS A 501 -12.68 -26.52 9.76
CA LYS A 501 -11.35 -26.92 9.30
C LYS A 501 -10.47 -25.71 9.07
N SER A 502 -11.02 -24.67 8.45
CA SER A 502 -10.25 -23.45 8.22
C SER A 502 -10.07 -22.64 9.49
N ALA A 503 -11.04 -22.72 10.41
CA ALA A 503 -10.89 -22.05 11.70
C ALA A 503 -9.75 -22.67 12.50
N THR A 504 -9.56 -23.99 12.37
CA THR A 504 -8.47 -24.65 13.10
C THR A 504 -7.11 -24.33 12.47
N LEU A 505 -7.06 -24.24 11.15
CA LEU A 505 -5.79 -23.89 10.49
C LEU A 505 -5.36 -22.47 10.86
N ILE A 506 -6.29 -21.53 10.88
CA ILE A 506 -5.97 -20.18 11.33
C ILE A 506 -5.55 -20.20 12.80
N ALA A 507 -6.27 -20.95 13.63
CA ALA A 507 -5.90 -21.06 15.04
C ALA A 507 -4.51 -21.67 15.19
N PHE A 508 -4.16 -22.62 14.33
CA PHE A 508 -2.82 -23.20 14.38
C PHE A 508 -1.75 -22.14 14.14
N THR A 509 -2.03 -21.20 13.24
CA THR A 509 -1.09 -20.11 13.00
C THR A 509 -0.89 -19.27 14.25
N TYR A 510 -1.96 -19.08 15.03
CA TYR A 510 -1.84 -18.31 16.27
C TYR A 510 -1.06 -19.08 17.31
N TYR A 511 -1.16 -20.42 17.31
CA TYR A 511 -0.41 -21.22 18.27
C TYR A 511 1.09 -21.06 18.06
N CYS A 512 1.52 -21.03 16.79
CA CYS A 512 2.94 -20.90 16.47
C CYS A 512 3.46 -19.49 16.67
N TYR A 513 2.59 -18.51 16.92
CA TYR A 513 3.07 -17.15 17.17
C TYR A 513 3.68 -17.02 18.55
N PHE A 514 3.11 -17.69 19.56
CA PHE A 514 3.56 -17.55 20.93
C PHE A 514 4.27 -18.78 21.46
N ALA A 515 4.07 -19.95 20.84
CA ALA A 515 4.63 -21.20 21.32
C ALA A 515 5.52 -21.83 20.26
N GLU A 516 6.66 -22.36 20.70
CA GLU A 516 7.52 -23.17 19.85
C GLU A 516 7.05 -24.62 19.98
N LEU A 517 6.17 -25.03 19.07
CA LEU A 517 5.52 -26.32 19.20
C LEU A 517 6.53 -27.47 19.24
N ASP A 518 7.70 -27.29 18.60
CA ASP A 518 8.71 -28.34 18.66
C ASP A 518 9.22 -28.55 20.08
N SER A 519 9.36 -27.48 20.85
CA SER A 519 9.80 -27.58 22.23
C SER A 519 8.65 -27.84 23.20
N VAL A 520 7.43 -27.43 22.82
CA VAL A 520 6.28 -27.62 23.71
C VAL A 520 5.72 -29.03 23.56
N LEU A 521 5.39 -29.43 22.33
CA LEU A 521 4.78 -30.72 22.09
C LEU A 521 5.78 -31.87 22.14
N GLY A 522 7.05 -31.62 21.82
CA GLY A 522 8.06 -32.65 21.81
C GLY A 522 8.27 -33.23 20.43
N PRO A 523 9.36 -34.00 20.26
CA PRO A 523 9.66 -34.52 18.92
C PRO A 523 8.56 -35.39 18.33
N GLU A 524 7.88 -36.19 19.16
CA GLU A 524 6.90 -37.13 18.63
C GLU A 524 5.57 -36.44 18.35
N VAL A 525 5.05 -35.69 19.32
CA VAL A 525 3.76 -35.03 19.14
C VAL A 525 3.86 -33.96 18.07
N CYS A 526 4.99 -33.26 17.99
CA CYS A 526 5.14 -32.21 16.98
C CYS A 526 5.01 -32.79 15.58
N SER A 527 5.62 -33.94 15.32
CA SER A 527 5.47 -34.59 14.03
C SER A 527 4.02 -35.03 13.81
N GLU A 528 3.36 -35.47 14.87
CA GLU A 528 1.97 -35.88 14.76
C GLU A 528 1.07 -34.71 14.38
N THR A 529 1.31 -33.54 14.98
CA THR A 529 0.53 -32.36 14.62
C THR A 529 0.83 -31.92 13.19
N GLN A 530 2.06 -32.11 12.72
CA GLN A 530 2.38 -31.84 11.33
C GLN A 530 1.56 -32.73 10.41
N GLU A 531 1.41 -34.01 10.77
CA GLU A 531 0.59 -34.91 9.98
C GLU A 531 -0.87 -34.48 10.00
N LYS A 532 -1.37 -34.05 11.17
CA LYS A 532 -2.77 -33.66 11.27
C LYS A 532 -3.06 -32.39 10.48
N VAL A 533 -2.17 -31.40 10.55
CA VAL A 533 -2.39 -30.16 9.83
C VAL A 533 -2.31 -30.39 8.32
N ILE A 534 -1.39 -31.26 7.88
CA ILE A 534 -1.28 -31.55 6.46
C ILE A 534 -2.56 -32.20 5.94
N ARG A 535 -3.17 -33.06 6.75
CA ARG A 535 -4.42 -33.69 6.35
C ARG A 535 -5.54 -32.66 6.22
N ILE A 536 -5.58 -31.69 7.14
CA ILE A 536 -6.62 -30.68 7.11
C ILE A 536 -6.46 -29.77 5.91
N ILE A 537 -5.21 -29.42 5.57
CA ILE A 537 -4.97 -28.54 4.42
C ILE A 537 -5.45 -29.23 3.14
N ASN A 538 -5.26 -30.54 3.04
CA ASN A 538 -5.74 -31.26 1.87
C ASN A 538 -7.26 -31.17 1.75
N GLN A 539 -7.96 -31.30 2.87
CA GLN A 539 -9.42 -31.33 2.85
C GLN A 539 -9.99 -30.00 2.39
N VAL A 540 -9.42 -28.89 2.88
CA VAL A 540 -9.98 -27.58 2.55
C VAL A 540 -9.38 -27.04 1.25
N SER A 541 -8.17 -27.49 0.89
CA SER A 541 -7.55 -27.00 -0.33
C SER A 541 -8.37 -27.39 -1.56
N SER A 542 -9.19 -28.43 -1.45
CA SER A 542 -10.05 -28.81 -2.57
C SER A 542 -11.04 -27.71 -2.94
N ASP A 543 -11.63 -27.06 -1.95
CA ASP A 543 -12.60 -25.99 -2.21
C ASP A 543 -12.04 -24.61 -1.86
N ALA A 544 -10.75 -24.52 -1.56
CA ALA A 544 -10.15 -23.23 -1.24
C ALA A 544 -10.19 -22.31 -2.45
N GLU A 545 -10.41 -21.02 -2.19
CA GLU A 545 -10.50 -20.04 -3.25
C GLU A 545 -10.16 -18.66 -2.70
N GLU A 546 -9.85 -17.74 -3.60
CA GLU A 546 -9.57 -16.33 -3.24
C GLU A 546 -8.46 -16.26 -2.19
N ASP A 547 -8.72 -15.71 -1.01
CA ASP A 547 -7.69 -15.49 0.01
C ASP A 547 -7.38 -16.75 0.79
N THR A 548 -8.19 -17.81 0.65
CA THR A 548 -7.92 -19.04 1.38
C THR A 548 -6.58 -19.65 0.97
N ASN A 549 -6.29 -19.66 -0.33
CA ASN A 549 -5.03 -20.25 -0.80
C ASN A 549 -3.82 -19.48 -0.28
N GLY A 550 -3.96 -18.18 -0.09
CA GLY A 550 -2.88 -17.43 0.55
C GLY A 550 -2.68 -17.84 1.99
N ALA A 551 -3.77 -18.05 2.72
CA ALA A 551 -3.67 -18.46 4.11
C ALA A 551 -3.10 -19.88 4.24
N LEU A 552 -3.52 -20.78 3.35
CA LEU A 552 -3.03 -22.16 3.43
C LEU A 552 -1.53 -22.23 3.23
N MET A 553 -0.97 -21.35 2.39
CA MET A 553 0.49 -21.32 2.24
C MET A 553 1.15 -20.84 3.52
N GLU A 554 0.55 -19.84 4.19
CA GLU A 554 1.11 -19.37 5.45
C GLU A 554 1.10 -20.48 6.50
N VAL A 555 0.00 -21.22 6.58
CA VAL A 555 -0.08 -22.34 7.52
C VAL A 555 0.92 -23.42 7.12
N LEU A 556 0.99 -23.72 5.82
CA LEU A 556 1.92 -24.75 5.35
C LEU A 556 3.35 -24.34 5.61
N SER A 557 3.64 -23.03 5.57
CA SER A 557 4.98 -22.58 5.92
C SER A 557 5.31 -22.90 7.37
N GLN A 558 4.34 -22.73 8.28
CA GLN A 558 4.56 -23.10 9.67
C GLN A 558 4.80 -24.60 9.80
N VAL A 559 4.02 -25.40 9.08
CA VAL A 559 4.17 -26.85 9.17
C VAL A 559 5.55 -27.26 8.68
N ILE A 560 6.02 -26.67 7.58
CA ILE A 560 7.33 -27.01 7.05
C ILE A 560 8.41 -26.60 8.03
N SER A 561 8.23 -25.47 8.71
CA SER A 561 9.24 -24.95 9.60
C SER A 561 9.52 -25.88 10.78
N TYR A 562 8.59 -26.79 11.10
CA TYR A 562 8.73 -27.66 12.25
C TYR A 562 9.18 -29.07 11.88
N ASN A 563 9.42 -29.34 10.61
CA ASN A 563 9.90 -30.66 10.24
C ASN A 563 11.30 -30.88 10.80
N PRO A 564 11.61 -32.06 11.35
CA PRO A 564 12.90 -32.24 12.01
C PRO A 564 14.07 -32.11 11.04
N LYS A 565 15.15 -31.51 11.54
CA LYS A 565 16.42 -31.53 10.83
C LYS A 565 17.32 -32.66 11.30
N GLU A 566 17.05 -33.21 12.48
CA GLU A 566 17.81 -34.32 13.00
C GLU A 566 17.49 -35.59 12.21
N PRO A 567 18.29 -36.64 12.37
CA PRO A 567 18.06 -37.86 11.58
C PRO A 567 16.67 -38.44 11.81
N HIS A 568 16.38 -39.50 11.05
CA HIS A 568 15.08 -40.18 11.08
C HIS A 568 13.93 -39.18 10.91
N SER A 569 14.12 -38.24 10.00
CA SER A 569 13.04 -37.32 9.66
C SER A 569 11.93 -38.06 8.92
N ARG A 570 10.70 -37.63 9.14
CA ARG A 570 9.53 -38.27 8.53
C ARG A 570 9.52 -37.98 7.03
N LYS A 571 9.99 -38.95 6.24
CA LYS A 571 9.99 -38.76 4.79
C LYS A 571 8.56 -38.68 4.23
N GLU A 572 7.61 -39.32 4.89
CA GLU A 572 6.22 -39.27 4.43
C GLU A 572 5.69 -37.84 4.49
N ILE A 573 6.00 -37.13 5.58
CA ILE A 573 5.53 -35.74 5.72
C ILE A 573 6.17 -34.87 4.65
N LEU A 574 7.48 -35.04 4.41
CA LEU A 574 8.17 -34.18 3.47
C LEU A 574 7.60 -34.30 2.07
N GLN A 575 7.29 -35.53 1.64
CA GLN A 575 6.68 -35.71 0.33
C GLN A 575 5.28 -35.10 0.30
N ALA A 576 4.58 -35.10 1.44
CA ALA A 576 3.28 -34.46 1.51
C ALA A 576 3.41 -32.94 1.49
N GLU A 577 4.46 -32.40 2.11
CA GLU A 577 4.68 -30.96 2.06
C GLU A 577 5.04 -30.50 0.65
N PHE A 578 5.86 -31.28 -0.05
CA PHE A 578 6.18 -30.95 -1.44
C PHE A 578 4.93 -30.95 -2.30
N HIS A 579 4.08 -31.97 -2.13
CA HIS A 579 2.87 -32.07 -2.94
C HIS A 579 1.95 -30.88 -2.70
N LEU A 580 1.90 -30.38 -1.48
CA LEU A 580 1.00 -29.26 -1.17
C LEU A 580 1.52 -27.95 -1.74
N VAL A 581 2.83 -27.77 -1.76
CA VAL A 581 3.39 -26.52 -2.28
C VAL A 581 3.00 -26.34 -3.74
N PHE A 582 3.10 -27.42 -4.53
CA PHE A 582 2.73 -27.34 -5.93
C PHE A 582 1.21 -27.28 -6.10
N THR A 583 0.48 -28.11 -5.34
CA THR A 583 -0.97 -28.18 -5.50
C THR A 583 -1.65 -26.86 -5.16
N ILE A 584 -1.28 -26.26 -4.03
CA ILE A 584 -1.87 -24.99 -3.65
C ILE A 584 -1.46 -23.89 -4.61
N SER A 585 -0.19 -23.88 -5.02
CA SER A 585 0.28 -22.84 -5.93
C SER A 585 -0.23 -23.07 -7.35
N SER A 586 -0.33 -24.33 -7.78
CA SER A 586 -0.83 -24.61 -9.12
C SER A 586 -2.29 -24.20 -9.28
N GLU A 587 -3.04 -24.18 -8.17
CA GLU A 587 -4.46 -23.83 -8.26
C GLU A 587 -4.63 -22.41 -8.77
N ASP A 588 -3.86 -21.47 -8.24
CA ASP A 588 -3.95 -20.06 -8.65
C ASP A 588 -2.55 -19.49 -8.81
N PRO A 589 -1.88 -19.80 -9.93
CA PRO A 589 -0.53 -19.27 -10.13
C PRO A 589 -0.46 -17.75 -10.10
N ALA A 590 -1.50 -17.07 -10.57
CA ALA A 590 -1.48 -15.61 -10.65
C ALA A 590 -1.51 -14.94 -9.29
N ASN A 591 -1.87 -15.65 -8.22
CA ASN A 591 -1.95 -15.08 -6.89
C ASN A 591 -0.53 -14.74 -6.43
N VAL A 592 -0.29 -13.46 -6.15
CA VAL A 592 1.06 -13.01 -5.80
C VAL A 592 1.47 -13.55 -4.44
N GLN A 593 0.56 -13.51 -3.46
CA GLN A 593 0.92 -13.94 -2.11
C GLN A 593 1.25 -15.43 -2.09
N VAL A 594 0.52 -16.23 -2.87
CA VAL A 594 0.82 -17.66 -2.96
C VAL A 594 2.15 -17.86 -3.67
N VAL A 595 2.44 -17.06 -4.69
CA VAL A 595 3.67 -17.25 -5.46
C VAL A 595 4.88 -17.00 -4.57
N VAL A 596 4.88 -15.88 -3.84
CA VAL A 596 6.03 -15.56 -3.00
C VAL A 596 6.16 -16.58 -1.87
N GLN A 597 5.05 -16.96 -1.26
CA GLN A 597 5.12 -17.94 -0.16
C GLN A 597 5.45 -19.33 -0.67
N SER A 598 5.00 -19.68 -1.87
CA SER A 598 5.34 -20.99 -2.43
C SER A 598 6.85 -21.14 -2.59
N GLN A 599 7.51 -20.09 -3.07
CA GLN A 599 8.97 -20.13 -3.16
C GLN A 599 9.61 -20.21 -1.79
N GLU A 600 9.10 -19.44 -0.83
CA GLU A 600 9.63 -19.49 0.53
C GLU A 600 9.47 -20.88 1.12
N CYS A 601 8.29 -21.48 0.94
CA CYS A 601 8.08 -22.85 1.42
C CYS A 601 9.02 -23.82 0.71
N LEU A 602 9.21 -23.64 -0.60
CA LEU A 602 10.09 -24.53 -1.34
C LEU A 602 11.55 -24.34 -0.93
N GLU A 603 11.96 -23.09 -0.68
CA GLU A 603 13.34 -22.84 -0.28
C GLU A 603 13.66 -23.49 1.06
N LYS A 604 12.77 -23.32 2.04
CA LYS A 604 13.00 -23.87 3.36
C LYS A 604 12.79 -25.38 3.41
N LEU A 605 12.24 -25.98 2.36
CA LEU A 605 12.25 -27.42 2.18
C LEU A 605 13.57 -27.95 1.65
N LEU A 606 14.42 -27.07 1.12
CA LEU A 606 15.69 -27.46 0.53
C LEU A 606 16.88 -26.73 1.14
N ASP A 607 16.69 -26.05 2.27
CA ASP A 607 17.78 -25.26 2.85
C ASP A 607 19.01 -26.12 3.12
N ASN A 608 18.81 -27.31 3.68
CA ASN A 608 19.89 -28.26 3.89
C ASN A 608 19.46 -29.60 3.31
N ILE A 609 20.14 -30.04 2.26
CA ILE A 609 19.68 -31.20 1.50
C ILE A 609 20.87 -32.09 1.14
N ASN A 610 20.69 -33.40 1.29
CA ASN A 610 21.71 -34.35 0.88
C ASN A 610 21.52 -34.73 -0.59
N MET A 611 22.54 -35.40 -1.13
CA MET A 611 22.45 -35.85 -2.53
C MET A 611 21.29 -36.80 -2.73
N ASP A 612 21.17 -37.82 -1.89
CA ASP A 612 20.11 -38.80 -2.06
C ASP A 612 18.74 -38.15 -1.91
N ASN A 613 18.58 -37.29 -0.89
CA ASN A 613 17.30 -36.62 -0.69
C ASN A 613 16.99 -35.69 -1.86
N TYR A 614 17.99 -34.94 -2.33
CA TYR A 614 17.76 -33.99 -3.41
C TYR A 614 17.33 -34.71 -4.68
N LYS A 615 17.97 -35.83 -4.99
CA LYS A 615 17.61 -36.58 -6.20
C LYS A 615 16.15 -37.02 -6.17
N ASN A 616 15.67 -37.43 -4.98
CA ASN A 616 14.30 -37.89 -4.88
C ASN A 616 13.31 -36.77 -5.18
N TYR A 617 13.57 -35.57 -4.65
CA TYR A 617 12.62 -34.48 -4.83
C TYR A 617 12.58 -33.97 -6.28
N ILE A 618 13.75 -33.89 -6.92
CA ILE A 618 13.77 -33.49 -8.33
C ILE A 618 13.09 -34.55 -9.19
N GLU A 619 13.26 -35.83 -8.82
CA GLU A 619 12.59 -36.90 -9.56
C GLU A 619 11.08 -36.75 -9.49
N LEU A 620 10.55 -36.42 -8.31
CA LEU A 620 9.10 -36.25 -8.17
C LEU A 620 8.62 -35.00 -8.88
N CYS A 621 9.40 -33.92 -8.83
CA CYS A 621 8.91 -32.61 -9.27
C CYS A 621 9.26 -32.34 -10.73
N LEU A 622 10.49 -32.60 -11.14
CA LEU A 622 10.94 -32.17 -12.46
C LEU A 622 10.04 -32.66 -13.59
N PRO A 623 9.57 -33.92 -13.62
CA PRO A 623 8.74 -34.35 -14.75
C PRO A 623 7.53 -33.45 -14.99
N SER A 624 6.90 -32.95 -13.92
CA SER A 624 5.82 -32.00 -14.09
C SER A 624 6.32 -30.71 -14.73
N PHE A 625 7.49 -30.23 -14.31
CA PHE A 625 8.04 -29.00 -14.85
C PHE A 625 8.30 -29.12 -16.36
N ILE A 626 8.85 -30.26 -16.78
CA ILE A 626 9.15 -30.45 -18.19
C ILE A 626 7.88 -30.34 -19.03
N ASN A 627 6.80 -30.97 -18.57
CA ASN A 627 5.55 -30.92 -19.32
C ASN A 627 5.02 -29.49 -19.42
N VAL A 628 5.11 -28.71 -18.33
CA VAL A 628 4.64 -27.33 -18.36
C VAL A 628 5.45 -26.52 -19.37
N LEU A 629 6.78 -26.68 -19.36
CA LEU A 629 7.60 -25.98 -20.33
C LEU A 629 7.29 -26.43 -21.75
N ASP A 630 7.13 -27.75 -21.95
CA ASP A 630 6.80 -28.26 -23.28
C ASP A 630 5.37 -27.93 -23.67
N SER A 631 4.44 -27.90 -22.71
CA SER A 631 3.05 -27.59 -23.04
C SER A 631 2.92 -26.19 -23.62
N ASN A 632 3.63 -25.22 -23.07
CA ASN A 632 3.56 -23.85 -23.54
C ASN A 632 4.21 -23.65 -24.90
N ASN A 633 4.90 -24.66 -25.42
CA ASN A 633 5.57 -24.50 -26.71
C ASN A 633 4.57 -24.16 -27.82
N ALA A 634 3.42 -24.83 -27.82
CA ALA A 634 2.40 -24.53 -28.82
C ALA A 634 1.91 -23.10 -28.72
N ASN A 635 2.00 -22.50 -27.53
CA ASN A 635 1.56 -21.12 -27.31
C ASN A 635 2.67 -20.11 -27.56
N ASN A 636 3.82 -20.57 -28.06
CA ASN A 636 4.97 -19.69 -28.29
C ASN A 636 5.48 -19.09 -26.99
N TYR A 637 5.29 -19.82 -25.89
CA TYR A 637 5.83 -19.43 -24.58
C TYR A 637 5.37 -18.04 -24.18
N ARG A 638 4.10 -17.73 -24.44
CA ARG A 638 3.54 -16.48 -23.98
C ARG A 638 3.46 -16.46 -22.46
N TYR A 639 3.03 -15.33 -21.91
CA TYR A 639 3.00 -15.16 -20.46
C TYR A 639 1.87 -15.95 -19.83
N SER A 640 2.09 -17.24 -19.61
CA SER A 640 1.15 -18.03 -18.84
C SER A 640 1.51 -17.95 -17.36
N PRO A 641 0.57 -17.59 -16.47
CA PRO A 641 0.93 -17.50 -15.06
C PRO A 641 1.49 -18.79 -14.50
N LEU A 642 1.10 -19.94 -15.05
CA LEU A 642 1.70 -21.20 -14.64
C LEU A 642 3.13 -21.35 -15.16
N LEU A 643 3.38 -20.87 -16.38
CA LEU A 643 4.73 -20.97 -16.94
C LEU A 643 5.73 -20.19 -16.11
N SER A 644 5.33 -19.00 -15.64
CA SER A 644 6.20 -18.25 -14.75
C SER A 644 6.46 -19.01 -13.46
N LEU A 645 5.43 -19.64 -12.90
CA LEU A 645 5.57 -20.31 -11.61
C LEU A 645 6.61 -21.41 -11.67
N VAL A 646 6.53 -22.28 -12.68
CA VAL A 646 7.49 -23.38 -12.77
C VAL A 646 8.89 -22.85 -13.01
N LEU A 647 9.01 -21.78 -13.81
CA LEU A 647 10.33 -21.18 -14.04
C LEU A 647 10.89 -20.60 -12.76
N GLU A 648 10.01 -20.18 -11.83
CA GLU A 648 10.48 -19.72 -10.53
C GLU A 648 10.78 -20.89 -9.60
N PHE A 649 10.06 -22.01 -9.76
CA PHE A 649 10.39 -23.19 -8.98
C PHE A 649 11.68 -23.83 -9.46
N ILE A 650 11.90 -23.88 -10.78
CA ILE A 650 13.13 -24.45 -11.30
C ILE A 650 14.33 -23.69 -10.78
N THR A 651 14.23 -22.36 -10.70
CA THR A 651 15.33 -21.57 -10.17
C THR A 651 15.63 -21.95 -8.72
N VAL A 652 14.60 -22.13 -7.90
CA VAL A 652 14.80 -22.50 -6.51
C VAL A 652 15.42 -23.89 -6.43
N PHE A 653 14.93 -24.83 -7.23
CA PHE A 653 15.51 -26.16 -7.25
C PHE A 653 16.98 -26.12 -7.69
N LEU A 654 17.27 -25.33 -8.73
CA LEU A 654 18.64 -25.25 -9.22
C LEU A 654 19.52 -24.40 -8.31
N LYS A 655 18.97 -23.36 -7.69
CA LYS A 655 19.77 -22.51 -6.82
C LYS A 655 20.14 -23.23 -5.54
N LYS A 656 19.18 -23.90 -4.91
CA LYS A 656 19.42 -24.65 -3.68
C LYS A 656 20.03 -26.01 -4.03
N LYS A 657 21.27 -25.95 -4.54
CA LYS A 657 21.94 -27.16 -4.95
C LYS A 657 22.32 -28.00 -3.72
N PRO A 658 22.45 -29.31 -3.88
CA PRO A 658 22.87 -30.15 -2.75
C PRO A 658 24.37 -30.04 -2.51
N ASN A 659 24.80 -30.64 -1.41
CA ASN A 659 26.22 -30.72 -1.09
C ASN A 659 26.88 -31.75 -2.00
N ASP A 660 28.20 -31.89 -1.85
CA ASP A 660 28.96 -32.93 -2.53
C ASP A 660 29.04 -32.69 -4.05
N GLY A 661 29.13 -31.42 -4.46
CA GLY A 661 29.44 -31.10 -5.83
C GLY A 661 28.24 -30.62 -6.64
N PHE A 662 28.34 -30.85 -7.95
CA PHE A 662 27.41 -30.30 -8.92
C PHE A 662 26.07 -31.02 -8.91
N LEU A 663 25.13 -30.51 -9.71
CA LEU A 663 23.80 -31.10 -9.78
C LEU A 663 23.86 -32.45 -10.51
N PRO A 664 22.87 -33.31 -10.29
CA PRO A 664 22.82 -34.57 -11.05
C PRO A 664 22.71 -34.33 -12.54
N ASP A 665 23.29 -35.24 -13.33
CA ASP A 665 23.30 -35.06 -14.81
C ASP A 665 21.86 -35.06 -15.33
N GLU A 666 20.95 -35.78 -14.67
CA GLU A 666 19.59 -35.85 -15.21
C GLU A 666 19.02 -34.46 -15.45
N ILE A 667 19.32 -33.52 -14.56
CA ILE A 667 18.84 -32.15 -14.74
C ILE A 667 19.32 -31.57 -16.06
N ASN A 668 20.60 -31.76 -16.38
CA ASN A 668 21.13 -31.25 -17.63
C ASN A 668 20.43 -31.90 -18.82
N GLN A 669 20.18 -33.21 -18.74
CA GLN A 669 19.57 -33.92 -19.86
C GLN A 669 18.15 -33.45 -20.13
N TYR A 670 17.37 -33.19 -19.09
CA TYR A 670 15.94 -32.94 -19.23
C TYR A 670 15.56 -31.46 -19.22
N LEU A 671 16.22 -30.63 -18.41
CA LEU A 671 15.84 -29.22 -18.36
C LEU A 671 16.52 -28.39 -19.44
N PHE A 672 17.68 -28.81 -19.94
CA PHE A 672 18.43 -27.96 -20.86
C PHE A 672 17.62 -27.64 -22.11
N GLU A 673 17.09 -28.68 -22.77
CA GLU A 673 16.35 -28.44 -24.01
C GLU A 673 15.10 -27.62 -23.79
N PRO A 674 14.23 -27.94 -22.83
CA PRO A 674 13.05 -27.08 -22.62
C PRO A 674 13.40 -25.64 -22.28
N LEU A 675 14.45 -25.42 -21.49
CA LEU A 675 14.85 -24.05 -21.17
C LEU A 675 15.45 -23.36 -22.39
N ALA A 676 16.27 -24.06 -23.16
CA ALA A 676 16.84 -23.46 -24.36
C ALA A 676 15.75 -23.05 -25.32
N LYS A 677 14.72 -23.89 -25.48
CA LYS A 677 13.60 -23.54 -26.36
C LYS A 677 12.87 -22.30 -25.84
N VAL A 678 12.72 -22.19 -24.52
CA VAL A 678 12.07 -21.02 -23.95
C VAL A 678 12.84 -19.76 -24.29
N LEU A 679 14.16 -19.80 -24.09
CA LEU A 679 14.97 -18.61 -24.37
C LEU A 679 15.05 -18.31 -25.86
N ALA A 680 15.08 -19.34 -26.70
CA ALA A 680 15.22 -19.13 -28.13
C ALA A 680 13.96 -18.52 -28.74
N PHE A 681 12.79 -19.03 -28.35
CA PHE A 681 11.54 -18.67 -29.01
C PHE A 681 10.69 -17.67 -28.23
N SER A 682 10.70 -17.72 -26.90
CA SER A 682 9.81 -16.87 -26.12
C SER A 682 10.11 -15.40 -26.38
N THR A 683 9.05 -14.60 -26.42
CA THR A 683 9.15 -13.16 -26.62
C THR A 683 8.68 -12.36 -25.41
N GLU A 684 8.04 -13.03 -24.47
CA GLU A 684 7.53 -12.33 -23.25
C GLU A 684 8.73 -11.79 -22.46
N ASP A 685 8.55 -10.65 -21.80
CA ASP A 685 9.61 -10.12 -20.96
C ASP A 685 9.77 -10.94 -19.68
N GLU A 686 8.68 -11.23 -18.99
CA GLU A 686 8.76 -11.95 -17.72
C GLU A 686 9.28 -13.36 -17.93
N THR A 687 8.83 -14.04 -18.98
CA THR A 687 9.28 -15.41 -19.23
C THR A 687 10.77 -15.44 -19.50
N LEU A 688 11.28 -14.48 -20.27
CA LEU A 688 12.70 -14.46 -20.58
C LEU A 688 13.53 -14.11 -19.36
N GLN A 689 13.03 -13.23 -18.49
CA GLN A 689 13.75 -12.90 -17.27
C GLN A 689 13.91 -14.13 -16.40
N LEU A 690 12.82 -14.89 -16.21
CA LEU A 690 12.88 -16.06 -15.36
C LEU A 690 13.63 -17.21 -16.03
N ALA A 691 13.40 -17.40 -17.33
CA ALA A 691 14.09 -18.49 -18.04
C ALA A 691 15.60 -18.27 -18.03
N THR A 692 16.05 -17.02 -18.24
CA THR A 692 17.48 -16.75 -18.21
C THR A 692 18.05 -16.97 -16.81
N GLU A 693 17.29 -16.60 -15.77
CA GLU A 693 17.73 -16.83 -14.41
C GLU A 693 17.92 -18.32 -14.13
N ALA A 694 16.95 -19.13 -14.57
CA ALA A 694 17.06 -20.58 -14.37
C ALA A 694 18.17 -21.16 -15.23
N PHE A 695 18.29 -20.69 -16.48
CA PHE A 695 19.33 -21.21 -17.36
C PHE A 695 20.72 -20.84 -16.86
N SER A 696 20.90 -19.65 -16.31
CA SER A 696 22.22 -19.25 -15.81
C SER A 696 22.67 -20.16 -14.67
N TYR A 697 21.76 -20.50 -13.76
CA TYR A 697 22.10 -21.42 -12.68
C TYR A 697 22.40 -22.81 -13.22
N LEU A 698 21.65 -23.25 -14.24
CA LEU A 698 21.86 -24.58 -14.80
C LEU A 698 23.29 -24.74 -15.31
N ILE A 699 23.79 -23.75 -16.05
CA ILE A 699 25.16 -23.80 -16.54
C ILE A 699 26.13 -23.67 -15.36
N PHE A 700 25.86 -22.75 -14.44
CA PHE A 700 26.81 -22.45 -13.38
C PHE A 700 27.03 -23.65 -12.47
N ASN A 701 25.96 -24.37 -12.11
CA ASN A 701 26.03 -25.39 -11.08
C ASN A 701 26.20 -26.80 -11.62
N THR A 702 26.07 -27.01 -12.93
CA THR A 702 26.17 -28.35 -13.50
C THR A 702 27.61 -28.67 -13.86
N ASP A 703 27.93 -29.96 -13.82
CA ASP A 703 29.28 -30.42 -14.14
C ASP A 703 29.66 -29.99 -15.56
N THR A 704 30.86 -29.43 -15.71
CA THR A 704 31.32 -29.00 -17.03
C THR A 704 31.44 -30.17 -17.99
N ARG A 705 31.92 -31.32 -17.50
CA ARG A 705 32.12 -32.47 -18.38
C ARG A 705 30.83 -32.88 -19.07
N ALA A 706 29.70 -32.78 -18.37
CA ALA A 706 28.43 -33.22 -18.93
C ALA A 706 27.73 -32.13 -19.73
N MET A 707 28.25 -30.90 -19.70
CA MET A 707 27.62 -29.79 -20.42
C MET A 707 28.42 -29.34 -21.63
N GLU A 708 29.68 -29.77 -21.74
CA GLU A 708 30.51 -29.34 -22.87
C GLU A 708 29.86 -29.60 -24.22
N PRO A 709 29.27 -30.77 -24.49
CA PRO A 709 28.61 -30.95 -25.80
C PRO A 709 27.51 -29.95 -26.07
N ARG A 710 26.90 -29.38 -25.02
CA ARG A 710 25.84 -28.40 -25.18
C ARG A 710 26.35 -26.97 -25.28
N LEU A 711 27.67 -26.78 -25.31
CA LEU A 711 28.23 -25.43 -25.35
C LEU A 711 27.74 -24.67 -26.57
N MET A 712 27.67 -25.33 -27.72
CA MET A 712 27.17 -24.67 -28.93
C MET A 712 25.73 -24.22 -28.77
N ASP A 713 24.88 -25.04 -28.15
CA ASP A 713 23.48 -24.66 -27.98
C ASP A 713 23.35 -23.45 -27.07
N ILE A 714 24.25 -23.32 -26.09
CA ILE A 714 24.22 -22.15 -25.22
C ILE A 714 24.43 -20.88 -26.02
N MET A 715 25.39 -20.91 -26.95
CA MET A 715 25.77 -19.69 -27.67
C MET A 715 24.63 -19.19 -28.54
N LYS A 716 23.93 -20.11 -29.22
CA LYS A 716 22.76 -19.70 -29.99
C LYS A 716 21.73 -19.06 -29.07
N VAL A 717 21.59 -19.56 -27.85
CA VAL A 717 20.72 -18.93 -26.86
C VAL A 717 21.29 -17.58 -26.44
N LEU A 718 22.60 -17.53 -26.14
CA LEU A 718 23.20 -16.29 -25.66
C LEU A 718 23.19 -15.23 -26.75
N GLU A 719 23.63 -15.58 -27.96
CA GLU A 719 23.66 -14.61 -29.04
C GLU A 719 22.27 -14.08 -29.37
N ARG A 720 21.23 -14.86 -29.10
CA ARG A 720 19.86 -14.41 -29.31
C ARG A 720 19.42 -13.44 -28.22
N LEU A 721 20.05 -13.49 -27.05
CA LEU A 721 19.68 -12.62 -25.94
C LEU A 721 20.51 -11.34 -25.90
N LEU A 722 21.74 -11.37 -26.42
CA LEU A 722 22.61 -10.21 -26.32
C LEU A 722 22.04 -9.00 -27.06
N SER A 723 21.68 -9.18 -28.33
CA SER A 723 21.24 -8.07 -29.16
C SER A 723 20.15 -8.55 -30.10
N LEU A 724 18.92 -8.06 -29.88
CA LEU A 724 17.78 -8.40 -30.71
C LEU A 724 16.61 -7.51 -30.29
N GLU A 725 15.43 -7.72 -30.89
CA GLU A 725 14.23 -7.06 -30.40
C GLU A 725 13.99 -7.31 -28.92
N VAL A 726 14.68 -8.27 -28.31
CA VAL A 726 14.62 -8.51 -26.88
C VAL A 726 14.98 -7.21 -26.16
N SER A 727 14.03 -6.66 -25.40
CA SER A 727 14.26 -5.40 -24.73
C SER A 727 15.23 -5.58 -23.56
N ASP A 728 15.63 -4.45 -22.98
CA ASP A 728 16.51 -4.49 -21.82
C ASP A 728 15.86 -5.22 -20.66
N SER A 729 14.56 -5.01 -20.46
CA SER A 729 13.85 -5.71 -19.40
C SER A 729 13.87 -7.22 -19.63
N ALA A 730 13.65 -7.64 -20.88
CA ALA A 730 13.67 -9.07 -21.17
C ALA A 730 15.05 -9.67 -20.92
N ALA A 731 16.10 -8.98 -21.35
CA ALA A 731 17.47 -9.45 -21.12
C ALA A 731 18.05 -8.86 -19.85
N MET A 732 17.29 -8.98 -18.75
CA MET A 732 17.73 -8.48 -17.45
C MET A 732 18.85 -9.34 -16.89
N ASN A 733 18.66 -10.66 -16.93
CA ASN A 733 19.60 -11.60 -16.32
C ASN A 733 20.66 -12.08 -17.27
N VAL A 734 20.92 -11.38 -18.39
CA VAL A 734 21.96 -11.82 -19.30
C VAL A 734 23.34 -11.58 -18.70
N GLY A 735 23.43 -10.72 -17.69
CA GLY A 735 24.69 -10.48 -17.01
C GLY A 735 25.20 -11.73 -16.33
N PRO A 736 24.42 -12.26 -15.38
CA PRO A 736 24.81 -13.53 -14.75
C PRO A 736 24.99 -14.67 -15.72
N LEU A 737 24.20 -14.71 -16.80
CA LEU A 737 24.37 -15.77 -17.79
C LEU A 737 25.74 -15.69 -18.46
N VAL A 738 26.19 -14.48 -18.79
CA VAL A 738 27.52 -14.32 -19.39
C VAL A 738 28.59 -14.67 -18.37
N VAL A 739 28.39 -14.29 -17.10
CA VAL A 739 29.34 -14.66 -16.06
C VAL A 739 29.40 -16.17 -15.90
N ALA A 740 28.24 -16.82 -15.90
CA ALA A 740 28.22 -18.28 -15.75
C ALA A 740 28.92 -18.95 -16.91
N ILE A 741 28.68 -18.48 -18.14
CA ILE A 741 29.34 -19.07 -19.30
C ILE A 741 30.83 -18.83 -19.23
N PHE A 742 31.24 -17.61 -18.88
CA PHE A 742 32.66 -17.32 -18.73
C PHE A 742 33.31 -18.14 -17.63
N THR A 743 32.60 -18.36 -16.51
CA THR A 743 33.20 -19.06 -15.38
C THR A 743 33.49 -20.52 -15.72
N ARG A 744 32.53 -21.22 -16.32
CA ARG A 744 32.65 -22.64 -16.59
C ARG A 744 33.28 -22.94 -17.95
N PHE A 745 33.35 -21.96 -18.85
CA PHE A 745 33.89 -22.15 -20.19
C PHE A 745 34.93 -21.08 -20.51
N SER A 746 35.75 -20.73 -19.52
CA SER A 746 36.73 -19.67 -19.73
C SER A 746 37.74 -20.06 -20.82
N LYS A 747 38.18 -21.31 -20.84
CA LYS A 747 39.17 -21.73 -21.84
C LYS A 747 38.57 -21.78 -23.23
N GLU A 748 37.34 -22.31 -23.36
CA GLU A 748 36.73 -22.44 -24.69
C GLU A 748 36.21 -21.09 -25.19
N ILE A 749 35.93 -20.16 -24.28
CA ILE A 749 35.30 -18.89 -24.65
C ILE A 749 36.28 -17.82 -25.08
N GLN A 750 37.59 -18.05 -24.98
CA GLN A 750 38.56 -16.98 -25.22
C GLN A 750 38.34 -16.26 -26.53
N PRO A 751 38.12 -16.94 -27.67
CA PRO A 751 37.84 -16.20 -28.91
C PRO A 751 36.57 -15.36 -28.86
N LEU A 752 35.54 -15.81 -28.14
CA LEU A 752 34.24 -15.13 -28.18
C LEU A 752 34.06 -14.07 -27.10
N ILE A 753 35.04 -13.89 -26.22
CA ILE A 753 34.89 -12.89 -25.15
C ILE A 753 34.74 -11.49 -25.74
N GLY A 754 35.53 -11.19 -26.76
CA GLY A 754 35.53 -9.84 -27.32
C GLY A 754 34.17 -9.40 -27.82
N ARG A 755 33.51 -10.24 -28.62
CA ARG A 755 32.20 -9.87 -29.15
C ARG A 755 31.11 -9.98 -28.10
N ILE A 756 31.26 -10.88 -27.12
CA ILE A 756 30.30 -10.94 -26.02
C ILE A 756 30.41 -9.68 -25.16
N LEU A 757 31.65 -9.31 -24.80
CA LEU A 757 31.84 -8.14 -23.95
C LEU A 757 31.40 -6.86 -24.66
N GLU A 758 31.68 -6.76 -25.96
CA GLU A 758 31.29 -5.56 -26.70
C GLU A 758 29.78 -5.36 -26.67
N ALA A 759 29.01 -6.44 -26.85
CA ALA A 759 27.57 -6.32 -26.76
C ALA A 759 27.11 -5.96 -25.35
N VAL A 760 27.77 -6.52 -24.33
CA VAL A 760 27.40 -6.22 -22.96
C VAL A 760 27.66 -4.75 -22.64
N VAL A 761 28.81 -4.23 -23.10
CA VAL A 761 29.15 -2.83 -22.81
C VAL A 761 28.13 -1.90 -23.46
N VAL A 762 27.76 -2.16 -24.71
CA VAL A 762 26.77 -1.33 -25.39
C VAL A 762 25.45 -1.36 -24.65
N ARG A 763 25.03 -2.55 -24.23
CA ARG A 763 23.78 -2.67 -23.47
C ARG A 763 23.86 -1.90 -22.16
N LEU A 764 25.00 -1.98 -21.47
CA LEU A 764 25.14 -1.29 -20.20
C LEU A 764 25.03 0.22 -20.36
N ILE A 765 25.66 0.77 -21.39
CA ILE A 765 25.66 2.21 -21.59
C ILE A 765 24.25 2.71 -21.89
N LYS A 766 23.54 1.99 -22.76
CA LYS A 766 22.23 2.48 -23.21
C LYS A 766 21.16 2.32 -22.13
N THR A 767 21.22 1.24 -21.35
CA THR A 767 20.12 0.92 -20.44
C THR A 767 20.08 1.90 -19.26
N GLN A 768 18.88 2.40 -18.98
CA GLN A 768 18.62 3.19 -17.79
C GLN A 768 17.98 2.39 -16.68
N ASN A 769 17.80 1.07 -16.87
CA ASN A 769 17.16 0.24 -15.87
C ASN A 769 18.18 -0.12 -14.79
N ILE A 770 17.80 0.11 -13.53
CA ILE A 770 18.72 -0.12 -12.42
C ILE A 770 19.13 -1.58 -12.36
N SER A 771 18.17 -2.49 -12.52
CA SER A 771 18.48 -3.91 -12.39
C SER A 771 19.29 -4.42 -13.58
N THR A 772 19.08 -3.86 -14.77
CA THR A 772 19.81 -4.34 -15.94
C THR A 772 21.26 -3.89 -15.90
N GLU A 773 21.52 -2.62 -15.56
CA GLU A 773 22.89 -2.14 -15.48
C GLU A 773 23.64 -2.81 -14.33
N GLN A 774 22.93 -3.08 -13.22
CA GLN A 774 23.54 -3.80 -12.11
C GLN A 774 23.99 -5.19 -12.54
N ASN A 775 23.14 -5.88 -13.32
CA ASN A 775 23.50 -7.21 -13.80
C ASN A 775 24.61 -7.14 -14.84
N LEU A 776 24.49 -6.23 -15.81
CA LEU A 776 25.49 -6.14 -16.86
C LEU A 776 26.86 -5.75 -16.29
N LEU A 777 26.89 -5.05 -15.17
CA LEU A 777 28.16 -4.78 -14.49
C LEU A 777 28.71 -6.02 -13.81
N SER A 778 27.88 -7.05 -13.60
CA SER A 778 28.39 -8.30 -13.05
C SER A 778 29.43 -8.92 -13.99
N VAL A 779 29.28 -8.68 -15.30
CA VAL A 779 30.25 -9.18 -16.26
C VAL A 779 31.56 -8.42 -16.14
N LEU A 780 31.49 -7.09 -16.05
CA LEU A 780 32.69 -6.28 -16.03
C LEU A 780 33.49 -6.49 -14.74
N CYS A 781 32.82 -6.44 -13.58
CA CYS A 781 33.52 -6.64 -12.33
C CYS A 781 34.12 -8.04 -12.26
N PHE A 782 33.45 -9.02 -12.87
CA PHE A 782 34.01 -10.36 -12.95
C PHE A 782 35.28 -10.36 -13.80
N LEU A 783 35.23 -9.70 -14.96
CA LEU A 783 36.40 -9.60 -15.81
C LEU A 783 37.52 -8.82 -15.13
N THR A 784 37.17 -7.73 -14.44
CA THR A 784 38.18 -6.93 -13.74
C THR A 784 38.87 -7.73 -12.65
N CYS A 785 38.11 -8.51 -11.88
CA CYS A 785 38.74 -9.38 -10.88
C CYS A 785 39.61 -10.44 -11.55
N ASN A 786 39.12 -11.00 -12.66
CA ASN A 786 39.88 -12.03 -13.37
C ASN A 786 41.18 -11.45 -13.92
N ASP A 787 41.10 -10.32 -14.62
CA ASP A 787 42.26 -9.68 -15.22
C ASP A 787 41.94 -8.20 -15.41
N PRO A 788 42.25 -7.36 -14.42
CA PRO A 788 41.90 -5.93 -14.57
C PRO A 788 42.54 -5.28 -15.78
N LYS A 789 43.77 -5.67 -16.12
CA LYS A 789 44.44 -5.07 -17.27
C LYS A 789 43.68 -5.35 -18.55
N GLN A 790 43.27 -6.60 -18.76
CA GLN A 790 42.62 -6.97 -20.02
C GLN A 790 41.32 -6.22 -20.22
N THR A 791 40.54 -6.04 -19.14
CA THR A 791 39.26 -5.35 -19.27
C THR A 791 39.45 -3.94 -19.80
N VAL A 792 40.48 -3.24 -19.30
CA VAL A 792 40.71 -1.87 -19.74
C VAL A 792 41.07 -1.83 -21.22
N ASP A 793 41.88 -2.79 -21.68
CA ASP A 793 42.26 -2.80 -23.10
C ASP A 793 41.03 -3.00 -23.99
N PHE A 794 40.13 -3.90 -23.60
CA PHE A 794 38.91 -4.08 -24.37
C PHE A 794 38.11 -2.79 -24.40
N LEU A 795 37.99 -2.11 -23.25
CA LEU A 795 37.21 -0.88 -23.19
C LEU A 795 37.92 0.27 -23.90
N SER A 796 39.25 0.35 -23.78
CA SER A 796 39.98 1.45 -24.41
C SER A 796 39.90 1.37 -25.93
N SER A 797 40.04 0.18 -26.51
CA SER A 797 39.97 0.02 -27.95
C SER A 797 38.56 0.13 -28.50
N PHE A 798 37.58 -0.48 -27.83
CA PHE A 798 36.20 -0.38 -28.27
C PHE A 798 35.68 1.03 -28.07
N GLN A 799 34.85 1.49 -29.02
CA GLN A 799 34.32 2.85 -29.02
C GLN A 799 32.82 2.82 -29.25
N ILE A 800 32.11 3.73 -28.58
CA ILE A 800 30.69 3.95 -28.79
C ILE A 800 30.49 5.42 -29.15
N ASP A 801 29.59 5.67 -30.09
CA ASP A 801 29.29 7.03 -30.56
C ASP A 801 30.57 7.85 -30.74
N ASN A 802 31.58 7.22 -31.32
CA ASN A 802 32.84 7.90 -31.66
C ASN A 802 33.59 8.38 -30.42
N THR A 803 33.52 7.61 -29.33
CA THR A 803 34.33 7.88 -28.15
C THR A 803 34.65 6.57 -27.45
N ASP A 804 35.75 6.56 -26.71
CA ASP A 804 36.21 5.36 -26.05
C ASP A 804 35.19 4.86 -25.03
N ALA A 805 35.07 3.53 -24.93
CA ALA A 805 34.12 2.93 -24.01
C ALA A 805 34.56 3.10 -22.57
N LEU A 806 35.85 3.31 -22.33
CA LEU A 806 36.35 3.37 -20.95
C LEU A 806 35.66 4.47 -20.17
N THR A 807 35.62 5.68 -20.73
CA THR A 807 34.99 6.79 -20.02
C THR A 807 33.49 6.53 -19.80
N LEU A 808 32.81 6.03 -20.83
CA LEU A 808 31.38 5.77 -20.72
C LEU A 808 31.09 4.66 -19.74
N VAL A 809 31.87 3.57 -19.82
CA VAL A 809 31.61 2.41 -18.97
C VAL A 809 31.96 2.72 -17.52
N MET A 810 33.12 3.35 -17.30
CA MET A 810 33.54 3.65 -15.93
C MET A 810 32.56 4.60 -15.26
N ARG A 811 32.11 5.63 -15.98
CA ARG A 811 31.12 6.54 -15.41
C ARG A 811 29.83 5.80 -15.06
N LYS A 812 29.38 4.91 -15.93
CA LYS A 812 28.23 4.08 -15.61
C LYS A 812 28.51 3.22 -14.38
N TRP A 813 29.73 2.67 -14.28
CA TRP A 813 30.07 1.84 -13.14
C TRP A 813 30.05 2.63 -11.84
N ILE A 814 30.54 3.87 -11.87
CA ILE A 814 30.61 4.68 -10.65
C ILE A 814 29.22 5.09 -10.20
N GLU A 815 28.37 5.53 -11.13
CA GLU A 815 27.00 5.89 -10.75
C GLU A 815 26.23 4.67 -10.28
N ALA A 816 26.43 3.52 -10.91
CA ALA A 816 25.72 2.31 -10.50
C ALA A 816 26.17 1.83 -9.12
N PHE A 817 27.38 2.20 -8.72
CA PHE A 817 27.90 1.74 -7.42
C PHE A 817 27.01 2.21 -6.27
N GLU A 818 26.28 3.31 -6.45
CA GLU A 818 25.50 3.88 -5.36
C GLU A 818 24.23 3.08 -5.07
N VAL A 819 23.80 2.22 -5.98
CA VAL A 819 22.52 1.54 -5.86
C VAL A 819 22.65 0.04 -6.04
N ILE A 820 23.88 -0.48 -5.95
CA ILE A 820 24.07 -1.93 -6.04
C ILE A 820 23.45 -2.59 -4.82
N ARG A 821 22.90 -3.79 -5.03
CA ARG A 821 22.17 -4.50 -3.99
C ARG A 821 22.80 -5.86 -3.73
N GLY A 822 22.69 -6.30 -2.48
CA GLY A 822 23.26 -7.58 -2.08
C GLY A 822 24.68 -7.45 -1.58
N GLU A 823 25.00 -8.10 -0.46
CA GLU A 823 26.36 -8.02 0.06
C GLU A 823 27.35 -8.71 -0.87
N LYS A 824 26.92 -9.78 -1.54
CA LYS A 824 27.80 -10.49 -2.46
C LYS A 824 28.24 -9.57 -3.60
N ARG A 825 27.31 -8.80 -4.15
CA ARG A 825 27.65 -7.92 -5.26
C ARG A 825 28.42 -6.68 -4.79
N ILE A 826 28.17 -6.23 -3.57
CA ILE A 826 28.92 -5.08 -3.04
C ILE A 826 30.37 -5.47 -2.79
N LYS A 827 30.58 -6.68 -2.25
CA LYS A 827 31.95 -7.18 -2.09
C LYS A 827 32.63 -7.35 -3.44
N GLU A 828 31.89 -7.89 -4.42
CA GLU A 828 32.46 -8.14 -5.73
C GLU A 828 32.89 -6.85 -6.40
N ASN A 829 32.04 -5.82 -6.35
CA ASN A 829 32.36 -4.56 -7.00
C ASN A 829 33.45 -3.80 -6.26
N ILE A 830 33.47 -3.87 -4.92
CA ILE A 830 34.54 -3.22 -4.17
C ILE A 830 35.88 -3.82 -4.54
N VAL A 831 35.92 -5.14 -4.78
CA VAL A 831 37.15 -5.78 -5.22
C VAL A 831 37.50 -5.36 -6.64
N ALA A 832 36.48 -5.26 -7.51
CA ALA A 832 36.72 -4.90 -8.90
C ALA A 832 37.28 -3.49 -9.01
N LEU A 833 36.64 -2.52 -8.34
CA LEU A 833 37.14 -1.15 -8.37
C LEU A 833 38.51 -1.07 -7.73
N SER A 834 38.75 -1.85 -6.68
CA SER A 834 40.06 -1.86 -6.04
C SER A 834 41.14 -2.30 -7.01
N ASN A 835 40.86 -3.33 -7.81
CA ASN A 835 41.85 -3.80 -8.78
C ASN A 835 42.18 -2.72 -9.79
N LEU A 836 41.18 -1.97 -10.24
CA LEU A 836 41.45 -0.85 -11.13
C LEU A 836 42.33 0.19 -10.45
N PHE A 837 42.06 0.48 -9.16
CA PHE A 837 42.86 1.47 -8.44
C PHE A 837 44.31 1.04 -8.36
N PHE A 838 44.56 -0.22 -8.01
CA PHE A 838 45.93 -0.71 -7.91
C PHE A 838 46.62 -0.73 -9.27
N LEU A 839 45.86 -0.95 -10.35
CA LEU A 839 46.46 -1.03 -11.68
C LEU A 839 47.15 0.28 -12.04
N ASN A 840 46.54 1.42 -11.70
CA ASN A 840 47.15 2.73 -11.94
C ASN A 840 47.47 2.92 -13.42
N ASP A 841 46.57 2.44 -14.28
CA ASP A 841 46.75 2.59 -15.71
C ASP A 841 46.69 4.07 -16.08
N LYS A 842 47.56 4.48 -17.00
CA LYS A 842 47.55 5.87 -17.45
C LYS A 842 46.22 6.23 -18.12
N ARG A 843 45.66 5.29 -18.90
CA ARG A 843 44.36 5.55 -19.52
C ARG A 843 43.27 5.74 -18.48
N LEU A 844 43.41 5.11 -17.30
CA LEU A 844 42.42 5.29 -16.25
C LEU A 844 42.58 6.61 -15.53
N GLN A 845 43.73 7.27 -15.70
CA GLN A 845 43.95 8.58 -15.08
C GLN A 845 43.28 9.70 -15.87
N LYS A 846 43.04 9.51 -17.16
CA LYS A 846 42.43 10.53 -18.00
C LYS A 846 40.91 10.50 -17.97
N VAL A 847 40.30 9.46 -17.42
CA VAL A 847 38.85 9.41 -17.32
C VAL A 847 38.39 10.30 -16.17
N VAL A 848 37.37 11.10 -16.41
CA VAL A 848 36.81 12.01 -15.42
C VAL A 848 35.36 11.63 -15.20
N VAL A 849 34.97 11.50 -13.93
CA VAL A 849 33.63 11.04 -13.56
C VAL A 849 32.96 12.10 -12.70
N ASN A 850 31.64 11.99 -12.59
CA ASN A 850 30.85 12.96 -11.86
C ASN A 850 31.10 12.84 -10.37
N GLY A 851 31.43 13.96 -9.73
CA GLY A 851 31.64 13.98 -8.29
C GLY A 851 30.41 14.42 -7.53
N ASN A 852 30.61 15.30 -6.54
CA ASN A 852 29.48 15.82 -5.77
C ASN A 852 28.57 16.65 -6.66
N LEU A 853 27.28 16.63 -6.35
CA LEU A 853 26.29 17.36 -7.15
C LEU A 853 26.26 18.81 -6.69
N ILE A 854 26.46 19.74 -7.62
CA ILE A 854 26.48 21.16 -7.30
C ILE A 854 25.04 21.65 -7.13
N PRO A 855 24.66 22.14 -5.96
CA PRO A 855 23.30 22.69 -5.81
C PRO A 855 23.17 24.05 -6.45
N TYR A 856 21.99 24.34 -6.95
CA TYR A 856 21.71 25.66 -7.51
C TYR A 856 21.42 26.66 -6.39
N GLU A 857 21.55 27.94 -6.72
CA GLU A 857 21.25 28.99 -5.77
C GLU A 857 19.77 29.00 -5.42
N GLY A 858 19.48 29.25 -4.15
CA GLY A 858 18.11 29.26 -3.67
C GLY A 858 17.69 27.93 -3.10
N ASP A 859 16.43 27.87 -2.67
CA ASP A 859 15.86 26.68 -2.06
C ASP A 859 14.75 26.07 -2.91
N LEU A 860 14.64 26.46 -4.18
CA LEU A 860 13.58 25.96 -5.04
C LEU A 860 13.69 24.45 -5.22
N ILE A 861 12.56 23.76 -5.14
CA ILE A 861 12.52 22.34 -5.49
C ILE A 861 12.59 22.22 -7.01
N ILE A 862 13.54 21.41 -7.49
CA ILE A 862 13.74 21.26 -8.92
C ILE A 862 12.87 20.13 -9.44
N THR A 863 11.62 20.44 -9.77
CA THR A 863 10.75 19.47 -10.40
C THR A 863 11.19 19.23 -11.84
N ARG A 864 10.73 18.13 -12.42
CA ARG A 864 11.16 17.77 -13.76
C ARG A 864 10.81 18.84 -14.79
N SER A 865 9.82 19.69 -14.51
CA SER A 865 9.51 20.79 -15.42
C SER A 865 10.65 21.79 -15.48
N MET A 866 11.45 21.89 -14.41
CA MET A 866 12.57 22.81 -14.35
C MET A 866 13.87 22.20 -14.85
N ALA A 867 13.84 20.95 -15.33
CA ALA A 867 15.07 20.31 -15.79
C ALA A 867 15.69 21.03 -16.98
N LYS A 868 14.88 21.71 -17.81
CA LYS A 868 15.43 22.40 -18.97
C LYS A 868 16.39 23.51 -18.56
N LYS A 869 16.02 24.30 -17.55
CA LYS A 869 16.81 25.45 -17.13
C LYS A 869 17.56 25.22 -15.83
N MET A 870 17.44 24.05 -15.21
CA MET A 870 18.17 23.76 -13.99
C MET A 870 18.65 22.31 -14.01
N PRO A 871 19.37 21.89 -15.04
CA PRO A 871 19.84 20.50 -15.10
C PRO A 871 20.84 20.22 -13.99
N ASP A 872 20.84 18.97 -13.53
CA ASP A 872 21.78 18.56 -12.49
C ASP A 872 23.21 18.71 -13.01
N ARG A 873 24.07 19.32 -12.20
CA ARG A 873 25.47 19.51 -12.53
C ARG A 873 26.34 18.89 -11.46
N TYR A 874 27.44 18.27 -11.89
CA TYR A 874 28.35 17.58 -10.99
C TYR A 874 29.75 18.14 -11.16
N VAL A 875 30.48 18.25 -10.06
CA VAL A 875 31.88 18.65 -10.13
C VAL A 875 32.69 17.51 -10.72
N GLN A 876 33.48 17.81 -11.74
CA GLN A 876 34.25 16.79 -12.44
C GLN A 876 35.48 16.42 -11.62
N VAL A 877 35.62 15.15 -11.29
CA VAL A 877 36.74 14.67 -10.48
C VAL A 877 37.39 13.49 -11.18
N PRO A 878 38.70 13.27 -11.00
CA PRO A 878 39.33 12.08 -11.59
C PRO A 878 38.71 10.80 -11.02
N LEU A 879 38.72 9.76 -11.85
CA LEU A 879 38.06 8.51 -11.47
C LEU A 879 38.60 7.99 -10.14
N TYR A 880 39.92 7.91 -10.01
CA TYR A 880 40.51 7.37 -8.79
C TYR A 880 40.04 8.15 -7.56
N THR A 881 39.87 9.47 -7.70
CA THR A 881 39.37 10.26 -6.59
C THR A 881 37.95 9.83 -6.20
N LYS A 882 37.11 9.54 -7.20
CA LYS A 882 35.73 9.15 -6.91
C LYS A 882 35.66 7.74 -6.35
N ILE A 883 36.59 6.86 -6.73
CA ILE A 883 36.61 5.51 -6.17
C ILE A 883 36.83 5.58 -4.66
N ILE A 884 37.81 6.37 -4.23
CA ILE A 884 38.15 6.44 -2.77
C ILE A 884 36.97 7.03 -2.01
N LYS A 885 36.40 8.14 -2.52
CA LYS A 885 35.24 8.77 -1.86
C LYS A 885 34.10 7.76 -1.78
N LEU A 886 33.89 6.98 -2.84
CA LEU A 886 32.77 6.00 -2.86
C LEU A 886 32.96 5.01 -1.71
N PHE A 887 34.18 4.46 -1.57
CA PHE A 887 34.48 3.48 -0.51
C PHE A 887 34.30 4.11 0.88
N VAL A 888 34.73 5.37 1.03
CA VAL A 888 34.57 6.07 2.34
C VAL A 888 33.09 6.16 2.66
N SER A 889 32.27 6.55 1.68
CA SER A 889 30.81 6.67 1.90
C SER A 889 30.22 5.31 2.25
N GLU A 890 30.72 4.24 1.62
CA GLU A 890 30.25 2.86 1.96
C GLU A 890 30.56 2.57 3.43
N LEU A 891 31.81 2.79 3.87
CA LEU A 891 32.14 2.59 5.30
C LEU A 891 31.15 3.39 6.15
N SER A 892 30.90 4.65 5.78
CA SER A 892 30.03 5.52 6.60
C SER A 892 28.62 4.92 6.71
N PHE A 893 28.02 4.50 5.59
CA PHE A 893 26.66 3.91 5.61
C PHE A 893 26.68 2.64 6.47
N GLN A 894 27.72 1.82 6.33
CA GLN A 894 27.82 0.56 7.10
C GLN A 894 27.83 0.87 8.60
N SER A 895 28.55 1.92 9.01
CA SER A 895 28.58 2.31 10.44
C SER A 895 27.29 1.85 11.13
N GLU A 963 36.49 -10.67 3.41
CA GLU A 963 35.72 -11.29 4.48
C GLU A 963 34.35 -10.64 4.61
N SER A 964 34.32 -9.32 4.61
CA SER A 964 33.08 -8.57 4.75
C SER A 964 33.23 -7.23 4.06
N VAL A 965 32.10 -6.53 3.79
CA VAL A 965 32.11 -5.24 3.04
C VAL A 965 32.93 -4.19 3.78
N VAL A 966 32.58 -3.90 5.03
CA VAL A 966 33.33 -2.90 5.85
C VAL A 966 34.77 -3.42 5.96
N GLN A 967 34.93 -4.71 6.27
CA GLN A 967 36.28 -5.32 6.40
C GLN A 967 37.04 -5.06 5.10
N LEU A 968 36.42 -5.33 3.95
CA LEU A 968 37.05 -5.16 2.61
C LEU A 968 37.51 -3.71 2.45
N LEU A 969 36.61 -2.74 2.63
CA LEU A 969 36.96 -1.32 2.39
C LEU A 969 38.10 -0.94 3.33
N VAL A 970 38.10 -1.42 4.58
CA VAL A 970 39.12 -1.05 5.60
C VAL A 970 40.48 -1.61 5.20
N ARG A 971 40.53 -2.89 4.79
CA ARG A 971 41.82 -3.46 4.34
C ARG A 971 42.30 -2.70 3.09
N PHE A 972 41.37 -2.29 2.24
CA PHE A 972 41.74 -1.52 1.03
C PHE A 972 42.40 -0.20 1.46
N PHE A 973 41.83 0.47 2.45
CA PHE A 973 42.38 1.76 2.97
C PHE A 973 43.73 1.51 3.65
N LYS A 974 43.96 0.31 4.20
CA LYS A 974 45.23 -0.01 4.92
C LYS A 974 46.34 -0.33 3.92
N GLU A 975 46.13 -1.27 2.99
CA GLU A 975 47.08 -1.64 1.95
C GLU A 975 47.48 -0.43 1.11
N VAL A 976 46.49 0.38 0.71
CA VAL A 976 46.78 1.56 -0.10
C VAL A 976 47.62 2.55 0.69
N ALA A 977 47.25 2.79 1.95
CA ALA A 977 47.97 3.75 2.77
C ALA A 977 49.41 3.32 3.04
N SER A 978 49.66 2.02 3.14
CA SER A 978 51.01 1.54 3.46
C SER A 978 52.01 1.84 2.36
N LYS A 979 51.55 2.18 1.16
CA LYS A 979 52.44 2.45 0.03
C LYS A 979 52.11 3.72 -0.74
N ASP A 980 50.98 4.36 -0.47
CA ASP A 980 50.57 5.56 -1.22
C ASP A 980 50.50 5.27 -2.71
N VAL A 981 49.97 4.11 -3.08
CA VAL A 981 49.91 3.72 -4.48
C VAL A 981 48.85 4.56 -5.20
N SER A 982 49.12 4.84 -6.47
CA SER A 982 48.19 5.59 -7.32
C SER A 982 47.90 6.98 -6.78
N GLY A 983 48.90 7.59 -6.14
CA GLY A 983 48.74 8.93 -5.61
C GLY A 983 47.72 9.06 -4.51
N PHE A 984 47.52 8.03 -3.68
CA PHE A 984 46.55 8.12 -2.61
C PHE A 984 46.85 9.27 -1.66
N HIS A 985 48.13 9.58 -1.47
CA HIS A 985 48.49 10.69 -0.59
C HIS A 985 47.92 12.00 -1.10
N CYS A 986 48.01 12.24 -2.42
CA CYS A 986 47.42 13.44 -2.99
C CYS A 986 45.91 13.47 -2.85
N ILE A 987 45.24 12.34 -3.06
CA ILE A 987 43.79 12.29 -2.92
C ILE A 987 43.39 12.57 -1.47
N TYR A 988 44.10 11.95 -0.52
CA TYR A 988 43.81 12.18 0.89
C TYR A 988 43.82 13.66 1.23
N GLU A 989 44.74 14.42 0.62
CA GLU A 989 44.84 15.84 0.89
C GLU A 989 43.63 16.61 0.41
N THR A 990 43.00 16.19 -0.69
CA THR A 990 41.87 16.90 -1.26
C THR A 990 40.52 16.34 -0.83
N LEU A 991 40.50 15.33 0.03
CA LEU A 991 39.24 14.83 0.55
C LEU A 991 38.65 15.81 1.56
N SER A 992 37.36 15.66 1.83
CA SER A 992 36.70 16.48 2.83
C SER A 992 37.18 16.09 4.22
N ASP A 993 37.06 17.05 5.16
CA ASP A 993 37.49 16.78 6.52
C ASP A 993 36.70 15.64 7.15
N SER A 994 35.39 15.59 6.89
CA SER A 994 34.57 14.51 7.42
C SER A 994 35.02 13.16 6.86
N GLU A 995 35.35 13.13 5.56
CA GLU A 995 35.80 11.88 4.96
C GLU A 995 37.08 11.39 5.61
N ARG A 996 38.02 12.29 5.89
CA ARG A 996 39.26 11.88 6.55
C ARG A 996 38.98 11.28 7.92
N LYS A 997 38.02 11.85 8.66
CA LYS A 997 37.67 11.30 9.97
C LYS A 997 37.15 9.87 9.84
N VAL A 998 36.27 9.63 8.88
CA VAL A 998 35.80 8.27 8.63
C VAL A 998 36.95 7.40 8.14
N LEU A 999 37.77 7.93 7.22
CA LEU A 999 38.93 7.18 6.75
C LEU A 999 39.90 6.88 7.88
N SER A 1000 39.93 7.71 8.92
CA SER A 1000 40.82 7.49 10.05
C SER A 1000 40.46 6.24 10.84
N GLU A 1001 39.26 5.68 10.64
CA GLU A 1001 38.91 4.44 11.33
C GLU A 1001 39.80 3.29 10.89
N ALA A 1002 40.16 3.24 9.61
CA ALA A 1002 41.08 2.21 9.13
C ALA A 1002 42.52 2.65 9.32
N LEU A 1003 42.83 3.90 8.99
CA LEU A 1003 44.18 4.43 9.14
C LEU A 1003 44.47 4.73 10.60
N SER B 17 13.03 21.51 14.57
CA SER B 17 13.09 20.32 13.68
C SER B 17 14.33 20.34 12.81
N ARG B 18 14.70 19.17 12.27
CA ARG B 18 15.86 19.07 11.40
C ARG B 18 15.56 19.42 9.96
N SER B 19 14.29 19.69 9.62
CA SER B 19 13.95 20.00 8.24
C SER B 19 14.65 21.27 7.75
N ALA B 20 14.70 22.29 8.60
CA ALA B 20 15.36 23.53 8.21
C ALA B 20 16.85 23.32 7.94
N LYS B 21 17.50 22.47 8.74
CA LYS B 21 18.92 22.22 8.52
C LYS B 21 19.18 21.59 7.15
N ALA B 22 18.34 20.63 6.75
CA ALA B 22 18.51 19.99 5.46
C ALA B 22 17.93 20.81 4.31
N GLY B 23 17.12 21.82 4.61
CA GLY B 23 16.50 22.62 3.56
C GLY B 23 15.19 22.07 3.06
N LEU B 24 14.41 21.43 3.94
CA LEU B 24 13.14 20.82 3.58
C LEU B 24 12.00 21.52 4.31
N THR B 25 10.80 21.35 3.78
CA THR B 25 9.57 21.84 4.42
C THR B 25 8.65 20.68 4.79
N PHE B 26 9.20 19.48 4.85
CA PHE B 26 8.52 18.30 5.36
C PHE B 26 9.20 17.89 6.65
N PRO B 27 8.50 17.14 7.50
CA PRO B 27 9.04 16.85 8.84
C PRO B 27 10.10 15.76 8.76
N VAL B 28 11.37 16.17 8.90
CA VAL B 28 12.46 15.20 8.96
C VAL B 28 12.34 14.36 10.23
N GLY B 29 12.05 15.01 11.36
CA GLY B 29 11.98 14.28 12.62
C GLY B 29 10.87 13.24 12.64
N ARG B 30 9.69 13.61 12.13
CA ARG B 30 8.55 12.69 12.17
C ARG B 30 8.69 11.56 11.17
N VAL B 31 9.34 11.78 10.04
CA VAL B 31 9.60 10.69 9.11
C VAL B 31 10.57 9.69 9.74
N HIS B 32 11.54 10.19 10.50
CA HIS B 32 12.45 9.31 11.23
C HIS B 32 11.69 8.49 12.25
N ARG B 33 10.78 9.11 13.00
CA ARG B 33 9.98 8.37 13.97
C ARG B 33 9.06 7.38 13.28
N LEU B 34 8.51 7.75 12.12
CA LEU B 34 7.70 6.80 11.37
C LEU B 34 8.51 5.60 10.91
N LEU B 35 9.77 5.82 10.53
CA LEU B 35 10.64 4.70 10.17
C LEU B 35 10.94 3.83 11.37
N ARG B 36 11.16 4.43 12.54
CA ARG B 36 11.52 3.66 13.72
C ARG B 36 10.34 2.84 14.22
N ARG B 37 9.23 3.51 14.55
CA ARG B 37 8.08 2.81 15.10
C ARG B 37 7.41 1.89 14.08
N GLY B 38 7.78 2.01 12.80
CA GLY B 38 7.26 1.10 11.79
C GLY B 38 7.89 -0.27 11.79
N ASN B 39 8.95 -0.47 12.56
CA ASN B 39 9.64 -1.77 12.63
C ASN B 39 10.13 -2.20 11.25
N TYR B 40 10.68 -1.24 10.49
CA TYR B 40 11.21 -1.56 9.17
C TYR B 40 12.61 -2.14 9.24
N ALA B 41 13.41 -1.72 10.21
CA ALA B 41 14.77 -2.21 10.36
C ALA B 41 15.21 -2.01 11.80
N GLN B 42 16.27 -2.74 12.18
CA GLN B 42 16.78 -2.63 13.55
C GLN B 42 17.23 -1.22 13.86
N ARG B 43 17.94 -0.57 12.94
CA ARG B 43 18.40 0.80 13.11
C ARG B 43 18.16 1.58 11.83
N ILE B 44 18.00 2.88 11.98
CA ILE B 44 17.79 3.80 10.85
C ILE B 44 18.91 4.82 10.87
N GLY B 45 19.62 4.94 9.75
CA GLY B 45 20.72 5.87 9.66
C GLY B 45 20.26 7.31 9.68
N SER B 46 21.18 8.20 10.06
CA SER B 46 20.85 9.62 10.13
C SER B 46 20.51 10.18 8.75
N GLY B 47 21.11 9.63 7.69
CA GLY B 47 20.86 10.12 6.36
C GLY B 47 19.62 9.53 5.70
N ALA B 48 18.97 8.57 6.35
CA ALA B 48 17.79 7.93 5.79
C ALA B 48 16.57 8.83 5.89
N PRO B 49 16.20 9.30 7.08
CA PRO B 49 14.99 10.16 7.17
C PRO B 49 15.12 11.43 6.36
N VAL B 50 16.32 12.01 6.28
CA VAL B 50 16.50 13.22 5.48
C VAL B 50 16.35 12.91 4.00
N TYR B 51 16.83 11.75 3.57
CA TYR B 51 16.71 11.37 2.17
C TYR B 51 15.26 11.06 1.81
N LEU B 52 14.58 10.26 2.65
CA LEU B 52 13.21 9.88 2.35
C LEU B 52 12.28 11.08 2.41
N THR B 53 12.53 12.01 3.33
CA THR B 53 11.70 13.20 3.43
C THR B 53 11.79 14.03 2.15
N ALA B 54 13.00 14.20 1.62
CA ALA B 54 13.17 14.97 0.39
C ALA B 54 12.47 14.31 -0.79
N VAL B 55 12.39 12.97 -0.79
CA VAL B 55 11.68 12.28 -1.87
C VAL B 55 10.18 12.52 -1.76
N LEU B 56 9.63 12.42 -0.54
CA LEU B 56 8.21 12.70 -0.35
C LEU B 56 7.88 14.15 -0.70
N GLU B 57 8.73 15.08 -0.27
CA GLU B 57 8.50 16.48 -0.58
C GLU B 57 8.53 16.72 -2.09
N TYR B 58 9.46 16.08 -2.79
CA TYR B 58 9.55 16.25 -4.24
C TYR B 58 8.26 15.78 -4.92
N LEU B 59 7.79 14.59 -4.55
CA LEU B 59 6.58 14.05 -5.18
C LEU B 59 5.37 14.94 -4.87
N ALA B 60 5.25 15.42 -3.63
CA ALA B 60 4.18 16.35 -3.31
C ALA B 60 4.33 17.65 -4.10
N ALA B 61 5.57 18.03 -4.40
CA ALA B 61 5.79 19.20 -5.24
C ALA B 61 5.42 18.91 -6.69
N GLU B 62 5.71 17.70 -7.17
CA GLU B 62 5.34 17.33 -8.52
C GLU B 62 3.83 17.31 -8.70
N ILE B 63 3.12 16.68 -7.75
CA ILE B 63 1.66 16.56 -7.88
C ILE B 63 0.99 17.92 -7.74
N LEU B 64 1.50 18.75 -6.83
CA LEU B 64 0.95 20.09 -6.67
C LEU B 64 1.21 20.96 -7.89
N GLU B 65 2.39 20.80 -8.52
CA GLU B 65 2.69 21.60 -9.70
C GLU B 65 1.80 21.22 -10.86
N LEU B 66 1.67 19.92 -11.13
CA LEU B 66 0.84 19.48 -12.24
C LEU B 66 -0.64 19.69 -11.96
N ALA B 67 -1.06 19.44 -10.71
CA ALA B 67 -2.44 19.75 -10.34
C ALA B 67 -2.71 21.24 -10.43
N GLY B 68 -1.76 22.06 -9.98
CA GLY B 68 -1.93 23.49 -10.09
C GLY B 68 -2.01 23.96 -11.54
N ASN B 69 -1.19 23.35 -12.41
CA ASN B 69 -1.25 23.71 -13.82
C ASN B 69 -2.62 23.41 -14.41
N ALA B 70 -3.23 22.31 -13.99
CA ALA B 70 -4.59 22.00 -14.44
C ALA B 70 -5.58 23.05 -13.95
N ALA B 71 -5.42 23.51 -12.71
CA ALA B 71 -6.32 24.52 -12.17
C ALA B 71 -6.23 25.81 -12.98
N ARG B 72 -5.00 26.24 -13.32
CA ARG B 72 -4.84 27.47 -14.07
C ARG B 72 -5.29 27.31 -15.52
N ASP B 73 -5.27 26.09 -16.05
CA ASP B 73 -5.79 25.87 -17.40
C ASP B 73 -7.26 26.22 -17.47
N ASN B 74 -7.99 26.08 -16.36
CA ASN B 74 -9.40 26.45 -16.28
C ASN B 74 -9.60 27.78 -15.57
N LYS B 75 -8.54 28.55 -15.36
CA LYS B 75 -8.62 29.85 -14.70
C LYS B 75 -9.10 29.72 -13.26
N LYS B 76 -8.91 28.55 -12.67
CA LYS B 76 -9.25 28.34 -11.27
C LYS B 76 -8.03 28.55 -10.39
N THR B 77 -8.26 29.15 -9.22
CA THR B 77 -7.24 29.33 -8.20
C THR B 77 -7.39 28.37 -7.04
N ARG B 78 -7.81 27.14 -7.30
CA ARG B 78 -8.08 26.17 -6.25
C ARG B 78 -7.96 24.77 -6.82
N ILE B 79 -7.17 23.92 -6.17
CA ILE B 79 -6.93 22.57 -6.64
C ILE B 79 -7.97 21.63 -6.04
N ILE B 80 -9.12 21.51 -6.71
CA ILE B 80 -10.17 20.60 -6.29
C ILE B 80 -9.78 19.19 -6.74
N PRO B 81 -10.44 18.14 -6.23
CA PRO B 81 -10.02 16.78 -6.61
C PRO B 81 -10.02 16.51 -8.10
N ARG B 82 -10.90 17.17 -8.86
CA ARG B 82 -10.94 16.95 -10.30
C ARG B 82 -9.59 17.30 -10.93
N HIS B 83 -9.02 18.44 -10.55
CA HIS B 83 -7.70 18.83 -11.06
C HIS B 83 -6.64 17.83 -10.62
N LEU B 84 -6.71 17.38 -9.37
CA LEU B 84 -5.69 16.49 -8.84
C LEU B 84 -5.66 15.16 -9.59
N GLN B 85 -6.83 14.57 -9.83
CA GLN B 85 -6.89 13.30 -10.56
C GLN B 85 -6.66 13.52 -12.05
N LEU B 86 -6.94 14.72 -12.56
CA LEU B 86 -6.70 15.00 -13.97
C LEU B 86 -5.21 15.16 -14.25
N ALA B 87 -4.46 15.66 -13.28
CA ALA B 87 -3.03 15.87 -13.48
C ALA B 87 -2.27 14.54 -13.50
N ILE B 88 -2.57 13.65 -12.56
CA ILE B 88 -1.84 12.39 -12.47
C ILE B 88 -2.10 11.54 -13.71
N ARG B 89 -3.35 11.50 -14.20
CA ARG B 89 -3.66 10.67 -15.35
C ARG B 89 -2.92 11.16 -16.59
N ASN B 90 -2.87 12.48 -16.79
CA ASN B 90 -2.19 13.02 -17.96
C ASN B 90 -0.68 12.82 -17.91
N ASP B 91 -0.08 12.93 -16.73
CA ASP B 91 1.35 12.71 -16.58
C ASP B 91 1.58 11.21 -16.47
N ASP B 92 2.11 10.61 -17.55
CA ASP B 92 2.28 9.14 -17.58
C ASP B 92 3.15 8.68 -16.40
N GLU B 93 4.27 9.37 -16.15
CA GLU B 93 5.16 8.90 -15.09
C GLU B 93 4.45 8.83 -13.75
N LEU B 94 3.63 9.84 -13.43
CA LEU B 94 2.80 9.76 -12.23
C LEU B 94 1.67 8.76 -12.39
N ASN B 95 1.14 8.62 -13.60
CA ASN B 95 0.07 7.65 -13.83
C ASN B 95 0.53 6.24 -13.49
N LYS B 96 1.74 5.88 -13.92
CA LYS B 96 2.29 4.57 -13.58
C LYS B 96 2.51 4.45 -12.06
N LEU B 97 3.03 5.51 -11.45
CA LEU B 97 3.36 5.44 -10.03
C LEU B 97 2.10 5.40 -9.17
N LEU B 98 1.14 6.30 -9.45
CA LEU B 98 -0.01 6.48 -8.57
C LEU B 98 -1.33 6.03 -9.19
N GLY B 99 -1.35 5.65 -10.46
CA GLY B 99 -2.58 5.21 -11.10
C GLY B 99 -3.66 6.27 -11.08
N LYS C 37 0.34 12.88 15.55
CA LYS C 37 0.31 14.34 15.25
C LYS C 37 0.30 14.61 13.75
N GLU C 38 1.03 13.79 13.00
CA GLU C 38 1.32 14.11 11.61
C GLU C 38 0.23 13.63 10.67
N THR C 39 -0.10 14.48 9.70
CA THR C 39 -0.91 14.11 8.55
C THR C 39 -0.34 14.60 7.23
N TYR C 40 0.72 15.40 7.24
CA TYR C 40 1.33 16.05 6.09
C TYR C 40 0.47 17.18 5.53
N SER C 41 -0.73 17.41 6.06
CA SER C 41 -1.59 18.45 5.52
C SER C 41 -0.97 19.83 5.70
N SER C 42 -0.35 20.07 6.86
CA SER C 42 0.25 21.38 7.12
C SER C 42 1.42 21.65 6.18
N TYR C 43 2.18 20.61 5.82
CA TYR C 43 3.38 20.81 5.03
C TYR C 43 3.06 20.85 3.53
N ILE C 44 2.04 20.11 3.10
CA ILE C 44 1.63 20.18 1.70
C ILE C 44 1.17 21.59 1.36
N TYR C 45 0.64 22.33 2.34
CA TYR C 45 0.34 23.74 2.11
C TYR C 45 1.61 24.54 1.89
N LYS C 46 2.65 24.29 2.69
CA LYS C 46 3.89 25.03 2.57
C LYS C 46 4.53 24.81 1.20
N VAL C 47 4.55 23.56 0.74
CA VAL C 47 5.14 23.26 -0.56
C VAL C 47 4.33 23.90 -1.68
N LEU C 48 3.01 23.94 -1.52
CA LEU C 48 2.16 24.52 -2.55
C LEU C 48 2.44 26.00 -2.73
N LYS C 49 2.70 26.72 -1.63
CA LYS C 49 2.91 28.16 -1.71
C LYS C 49 4.25 28.52 -2.32
N GLN C 50 5.25 27.65 -2.25
CA GLN C 50 6.48 27.88 -3.00
C GLN C 50 6.26 27.65 -4.49
N THR C 51 5.55 26.57 -4.83
CA THR C 51 5.29 26.27 -6.24
C THR C 51 4.30 27.26 -6.83
N HIS C 52 3.29 27.65 -6.06
CA HIS C 52 2.20 28.49 -6.57
C HIS C 52 1.68 29.34 -5.42
N PRO C 53 2.17 30.57 -5.28
CA PRO C 53 1.78 31.40 -4.12
C PRO C 53 0.29 31.66 -4.02
N ASP C 54 -0.41 31.78 -5.14
CA ASP C 54 -1.80 32.23 -5.15
C ASP C 54 -2.80 31.10 -5.33
N THR C 55 -2.37 29.83 -5.25
CA THR C 55 -3.24 28.69 -5.46
C THR C 55 -3.50 27.97 -4.15
N GLY C 56 -4.78 27.69 -3.88
CA GLY C 56 -5.19 26.91 -2.73
C GLY C 56 -5.54 25.48 -3.13
N ILE C 57 -5.65 24.64 -2.10
CA ILE C 57 -5.91 23.22 -2.29
C ILE C 57 -7.06 22.80 -1.39
N SER C 58 -8.03 22.09 -1.97
CA SER C 58 -9.23 21.71 -1.24
C SER C 58 -8.94 20.63 -0.21
N GLN C 59 -9.82 20.54 0.79
CA GLN C 59 -9.64 19.54 1.84
C GLN C 59 -9.76 18.12 1.29
N LYS C 60 -10.71 17.86 0.39
CA LYS C 60 -10.83 16.53 -0.17
C LYS C 60 -9.66 16.21 -1.09
N SER C 61 -9.13 17.22 -1.77
CA SER C 61 -7.95 17.01 -2.60
C SER C 61 -6.70 16.82 -1.76
N MET C 62 -6.59 17.52 -0.63
CA MET C 62 -5.45 17.32 0.25
C MET C 62 -5.51 15.96 0.93
N SER C 63 -6.72 15.48 1.23
CA SER C 63 -6.85 14.11 1.74
C SER C 63 -6.40 13.10 0.69
N ILE C 64 -6.72 13.35 -0.58
CA ILE C 64 -6.23 12.50 -1.65
C ILE C 64 -4.71 12.55 -1.72
N LEU C 65 -4.14 13.75 -1.60
CA LEU C 65 -2.70 13.90 -1.69
C LEU C 65 -1.99 13.18 -0.54
N ASN C 66 -2.52 13.29 0.68
CA ASN C 66 -1.92 12.59 1.80
C ASN C 66 -1.96 11.08 1.60
N SER C 67 -2.98 10.58 0.89
CA SER C 67 -2.99 9.17 0.54
C SER C 67 -1.83 8.82 -0.38
N PHE C 68 -1.53 9.69 -1.34
CA PHE C 68 -0.40 9.50 -2.27
C PHE C 68 0.90 9.53 -1.46
N VAL C 69 1.18 10.60 -0.72
CA VAL C 69 2.45 10.75 0.05
C VAL C 69 2.60 9.54 0.96
N ASN C 70 1.60 9.23 1.79
CA ASN C 70 1.69 8.10 2.77
C ASN C 70 1.91 6.78 2.01
N ASP C 71 1.17 6.53 0.94
CA ASP C 71 1.34 5.30 0.13
C ASP C 71 2.77 5.19 -0.38
N ILE C 72 3.32 6.24 -0.99
CA ILE C 72 4.67 6.15 -1.60
C ILE C 72 5.67 6.00 -0.45
N PHE C 73 5.42 6.63 0.70
CA PHE C 73 6.31 6.44 1.86
C PHE C 73 6.34 4.96 2.25
N GLU C 74 5.18 4.34 2.42
CA GLU C 74 5.09 2.93 2.89
C GLU C 74 5.55 1.98 1.78
N ARG C 75 5.67 2.45 0.53
CA ARG C 75 6.18 1.62 -0.58
C ARG C 75 7.70 1.76 -0.67
N ILE C 76 8.23 2.93 -0.32
CA ILE C 76 9.71 3.12 -0.31
C ILE C 76 10.22 2.52 0.99
N ALA C 77 9.46 2.67 2.08
CA ALA C 77 9.91 2.17 3.37
C ALA C 77 10.03 0.65 3.36
N THR C 78 9.00 -0.04 2.88
CA THR C 78 9.05 -1.50 2.84
C THR C 78 10.14 -1.98 1.88
N GLU C 79 10.28 -1.36 0.72
CA GLU C 79 11.34 -1.73 -0.20
C GLU C 79 12.71 -1.51 0.42
N ALA C 80 12.89 -0.39 1.12
CA ALA C 80 14.15 -0.16 1.83
C ALA C 80 14.38 -1.20 2.91
N SER C 81 13.31 -1.64 3.59
CA SER C 81 13.44 -2.70 4.58
C SER C 81 13.88 -4.00 3.92
N LYS C 82 13.29 -4.34 2.77
CA LYS C 82 13.68 -5.56 2.07
C LYS C 82 15.14 -5.49 1.64
N LEU C 83 15.57 -4.35 1.11
CA LEU C 83 16.97 -4.19 0.73
C LEU C 83 17.88 -4.20 1.95
N ALA C 84 17.36 -3.77 3.10
CA ALA C 84 18.13 -3.87 4.34
C ALA C 84 18.19 -5.30 4.86
N ALA C 85 17.08 -6.03 4.83
CA ALA C 85 17.14 -7.47 5.10
C ALA C 85 18.01 -8.17 4.07
N TYR C 86 17.86 -7.79 2.81
CA TYR C 86 18.85 -8.11 1.79
C TYR C 86 20.09 -7.27 2.10
N ASN C 87 21.15 -7.42 1.31
CA ASN C 87 22.41 -6.72 1.55
C ASN C 87 23.07 -7.18 2.86
N LYS C 88 22.45 -8.14 3.54
CA LYS C 88 22.96 -8.65 4.81
C LYS C 88 23.36 -7.52 5.76
N LYS C 89 22.46 -6.55 5.95
CA LYS C 89 22.70 -5.42 6.83
C LYS C 89 21.51 -5.24 7.76
N SER C 90 21.74 -4.49 8.84
CA SER C 90 20.70 -4.23 9.83
C SER C 90 20.24 -2.78 9.85
N THR C 91 20.85 -1.90 9.05
CA THR C 91 20.56 -0.48 9.09
C THR C 91 19.94 -0.05 7.77
N ILE C 92 19.02 0.91 7.85
CA ILE C 92 18.47 1.56 6.66
C ILE C 92 19.14 2.93 6.53
N SER C 93 19.87 3.12 5.45
CA SER C 93 20.61 4.34 5.19
C SER C 93 20.26 4.89 3.82
N ALA C 94 21.00 5.92 3.42
CA ALA C 94 20.74 6.56 2.12
C ALA C 94 20.83 5.51 1.02
N ARG C 95 21.80 4.60 1.07
CA ARG C 95 21.95 3.64 -0.06
C ARG C 95 20.63 2.89 -0.22
N GLU C 96 20.09 2.32 0.85
CA GLU C 96 18.83 1.54 0.76
C GLU C 96 17.72 2.42 0.20
N ILE C 97 17.58 3.66 0.71
CA ILE C 97 16.45 4.53 0.26
C ILE C 97 16.63 4.86 -1.24
N GLN C 98 17.83 5.22 -1.67
CA GLN C 98 18.07 5.62 -3.09
C GLN C 98 17.74 4.43 -3.97
N THR C 99 18.21 3.23 -3.61
CA THR C 99 17.87 2.02 -4.38
C THR C 99 16.34 1.89 -4.40
N ALA C 100 15.69 2.11 -3.26
CA ALA C 100 14.21 1.99 -3.19
C ALA C 100 13.55 3.02 -4.08
N VAL C 101 14.01 4.28 -4.04
CA VAL C 101 13.41 5.37 -4.86
C VAL C 101 13.60 5.04 -6.34
N ARG C 102 14.70 4.38 -6.69
CA ARG C 102 15.00 4.13 -8.13
C ARG C 102 14.20 2.92 -8.63
N LEU C 103 13.97 1.93 -7.77
CA LEU C 103 13.14 0.79 -8.18
C LEU C 103 11.68 1.19 -8.33
N ILE C 104 11.19 2.07 -7.45
CA ILE C 104 9.75 2.35 -7.39
C ILE C 104 9.37 3.48 -8.35
N LEU C 105 9.98 4.63 -8.21
CA LEU C 105 9.59 5.80 -8.98
C LEU C 105 9.92 5.59 -10.47
N PRO C 106 8.95 5.74 -11.38
CA PRO C 106 9.25 5.49 -12.79
C PRO C 106 9.99 6.64 -13.44
N GLY C 107 10.99 6.29 -14.25
CA GLY C 107 11.57 7.26 -15.17
C GLY C 107 12.11 8.50 -14.48
N GLU C 108 11.69 9.66 -14.98
CA GLU C 108 12.27 10.93 -14.54
C GLU C 108 11.99 11.22 -13.08
N LEU C 109 10.96 10.62 -12.48
CA LEU C 109 10.73 10.79 -11.05
C LEU C 109 11.92 10.23 -10.26
N ALA C 110 12.39 9.04 -10.64
CA ALA C 110 13.53 8.45 -9.94
C ALA C 110 14.78 9.29 -10.10
N LYS C 111 15.00 9.83 -11.31
CA LYS C 111 16.20 10.63 -11.55
C LYS C 111 16.14 11.95 -10.80
N HIS C 112 14.94 12.53 -10.67
CA HIS C 112 14.82 13.79 -9.92
C HIS C 112 14.58 13.54 -8.44
N ALA C 113 13.77 12.55 -8.08
CA ALA C 113 13.57 12.26 -6.67
C ALA C 113 14.89 11.98 -5.96
N VAL C 114 15.89 11.51 -6.72
CA VAL C 114 17.19 11.21 -6.14
C VAL C 114 18.04 12.47 -6.01
N SER C 115 17.89 13.36 -6.98
CA SER C 115 18.70 14.61 -6.96
C SER C 115 18.31 15.36 -5.69
N GLU C 116 17.00 15.48 -5.46
CA GLU C 116 16.50 16.20 -4.26
C GLU C 116 17.06 15.54 -3.01
N GLY C 117 16.82 14.24 -2.87
CA GLY C 117 17.30 13.52 -1.68
C GLY C 117 18.78 13.73 -1.46
N THR C 118 19.60 13.56 -2.50
CA THR C 118 21.07 13.65 -2.32
C THR C 118 21.46 15.07 -1.93
N ARG C 119 20.91 16.09 -2.59
CA ARG C 119 21.29 17.49 -2.30
C ARG C 119 20.85 17.82 -0.86
N ALA C 120 19.80 17.16 -0.37
CA ALA C 120 19.35 17.37 1.02
C ALA C 120 20.33 16.71 1.99
N VAL C 121 20.63 15.43 1.78
CA VAL C 121 21.58 14.70 2.67
C VAL C 121 22.93 15.42 2.57
N THR C 122 23.22 16.04 1.42
CA THR C 122 24.45 16.83 1.33
C THR C 122 24.36 18.14 2.08
N LYS C 123 23.25 18.88 1.96
CA LYS C 123 23.07 20.07 2.76
C LYS C 123 22.99 19.73 4.24
N TYR C 124 22.30 18.64 4.57
CA TYR C 124 22.35 18.06 5.90
C TYR C 124 23.74 17.48 6.11
N SER C 125 24.09 17.15 7.36
CA SER C 125 25.42 16.63 7.67
C SER C 125 26.52 17.55 7.16
N SER C 126 26.32 18.86 7.27
CA SER C 126 27.28 19.84 6.77
C SER C 126 27.03 21.20 7.41
#